data_3ANL
#
_entry.id   3ANL
#
_cell.length_a   181.717
_cell.length_b   59.298
_cell.length_c   87.166
_cell.angle_alpha   90.00
_cell.angle_beta   90.00
_cell.angle_gamma   90.00
#
_symmetry.space_group_name_H-M   'P 21 21 2'
#
loop_
_entity.id
_entity.type
_entity.pdbx_description
1 polymer '1-deoxy-D-xylulose 5-phosphate reductoisomerase'
2 non-polymer 'NADPH DIHYDRO-NICOTINAMIDE-ADENINE-DINUCLEOTIDE PHOSPHATE'
3 non-polymer '(pyridin-2-ylmethyl)phosphonic acid'
4 water water
#
_entity_poly.entity_id   1
_entity_poly.type   'polypeptide(L)'
_entity_poly.pdbx_seq_one_letter_code
;MRGSHHHHHHGKQLTILGSTGSIGCSTLDVVRHNPEHFRVVALVAGKNVTRMVEQCLEFSPRYAVMDDEASAKLLKTMLQ
QQGSRTEVLSGQQAACDMAALEDVDQVMAAIVGAAGLLPTLAAIRAGKTILLANKESLVTCGRLFMDAVKQSKAQLLPVD
SEHNAIFQSLPQPIQHNLGYADLEQNGVVSILLTGSGGPFRETPLRDLATMTPDQACRHPNWSMGRKISVDSATMMNKGL
EYIEARWLFNASASQMEVLIHPQSVIHSMVRYQDGSVLAQLGEPDMRTPIAHTMAWPNRVNSGVKPLDFCKLSALTFAAP
DYDRYPCLKLAMEAFEQGQAATTALNAANEITVAAFLAQQIRFTDIAALNLSVLEKMDMREPQCVDDVLSVDANAREVAR
KEVMRLASSACDLGTPGRPA
;
_entity_poly.pdbx_strand_id   A,B
#
# COMPACT_ATOMS: atom_id res chain seq x y z
N GLY A 11 -15.13 -22.78 10.83
CA GLY A 11 -13.99 -22.94 9.88
C GLY A 11 -12.67 -22.80 10.66
N LYS A 12 -12.34 -21.58 11.08
CA LYS A 12 -11.16 -21.26 11.92
C LYS A 12 -11.54 -21.30 13.41
N GLN A 13 -10.82 -22.09 14.20
CA GLN A 13 -11.08 -22.24 15.61
C GLN A 13 -10.21 -21.26 16.39
N LEU A 14 -10.82 -20.49 17.28
CA LEU A 14 -10.01 -19.52 18.00
C LEU A 14 -10.13 -19.47 19.50
N THR A 15 -9.00 -19.10 20.11
CA THR A 15 -8.96 -18.63 21.48
C THR A 15 -8.80 -17.13 21.51
N ILE A 16 -9.64 -16.45 22.30
CA ILE A 16 -9.47 -15.02 22.54
C ILE A 16 -8.97 -14.85 23.94
N LEU A 17 -7.72 -14.38 24.05
CA LEU A 17 -7.12 -14.08 25.35
C LEU A 17 -7.41 -12.61 25.60
N GLY A 18 -8.12 -12.31 26.68
CA GLY A 18 -8.53 -10.94 27.00
C GLY A 18 -9.79 -10.61 26.21
N SER A 19 -10.77 -11.52 26.26
CA SER A 19 -11.97 -11.41 25.44
C SER A 19 -12.87 -10.23 25.82
N THR A 20 -12.80 -9.80 27.08
CA THR A 20 -13.76 -8.83 27.63
C THR A 20 -13.34 -7.39 27.41
N GLY A 21 -12.08 -7.18 27.03
CA GLY A 21 -11.55 -5.83 26.78
C GLY A 21 -11.89 -5.26 25.41
N SER A 22 -11.28 -4.12 25.07
CA SER A 22 -11.65 -3.45 23.82
C SER A 22 -11.30 -4.28 22.57
N ILE A 23 -10.08 -4.78 22.47
CA ILE A 23 -9.69 -5.65 21.31
C ILE A 23 -10.53 -6.93 21.28
N GLY A 24 -10.76 -7.51 22.46
CA GLY A 24 -11.58 -8.72 22.55
C GLY A 24 -12.98 -8.55 22.02
N CYS A 25 -13.65 -7.48 22.46
CA CYS A 25 -15.00 -7.16 21.95
C CYS A 25 -15.02 -6.88 20.46
N SER A 26 -14.04 -6.11 19.99
CA SER A 26 -13.94 -5.88 18.53
C SER A 26 -13.75 -7.19 17.77
N THR A 27 -12.88 -8.07 18.28
CA THR A 27 -12.68 -9.40 17.63
C THR A 27 -13.98 -10.20 17.56
N LEU A 28 -14.74 -10.21 18.64
CA LEU A 28 -16.04 -10.92 18.66
C LEU A 28 -17.04 -10.31 17.70
N ASP A 29 -16.98 -8.98 17.53
CA ASP A 29 -17.73 -8.35 16.41
C ASP A 29 -17.41 -8.88 15.02
N VAL A 30 -16.13 -9.12 14.72
CA VAL A 30 -15.75 -9.70 13.44
C VAL A 30 -16.31 -11.12 13.32
N VAL A 31 -16.26 -11.86 14.44
CA VAL A 31 -16.83 -13.20 14.49
C VAL A 31 -18.34 -13.15 14.24
N ARG A 32 -19.04 -12.26 14.93
CA ARG A 32 -20.48 -11.97 14.75
C ARG A 32 -20.86 -11.76 13.27
N HIS A 33 -20.13 -10.87 12.60
CA HIS A 33 -20.23 -10.63 11.15
C HIS A 33 -19.83 -11.85 10.26
N ASN A 34 -19.05 -12.80 10.80
CA ASN A 34 -18.59 -13.95 9.99
C ASN A 34 -18.77 -15.34 10.64
N PRO A 35 -20.01 -15.68 11.07
CA PRO A 35 -20.23 -16.89 11.87
C PRO A 35 -19.79 -18.19 11.22
N GLU A 36 -19.80 -18.27 9.89
CA GLU A 36 -19.40 -19.49 9.20
C GLU A 36 -17.90 -19.61 8.97
N HIS A 37 -17.16 -18.54 9.27
CA HIS A 37 -15.71 -18.53 9.08
C HIS A 37 -14.88 -18.79 10.34
N PHE A 38 -15.45 -18.47 11.49
CA PHE A 38 -14.77 -18.48 12.80
C PHE A 38 -15.65 -19.13 13.85
N ARG A 39 -15.12 -20.11 14.58
CA ARG A 39 -15.80 -20.73 15.75
C ARG A 39 -14.98 -20.33 16.99
N VAL A 40 -15.64 -19.75 17.99
CA VAL A 40 -15.00 -19.49 19.29
C VAL A 40 -14.92 -20.78 20.17
N VAL A 41 -13.69 -21.26 20.38
CA VAL A 41 -13.36 -22.39 21.27
C VAL A 41 -13.18 -21.99 22.74
N ALA A 42 -12.48 -20.89 23.02
CA ALA A 42 -12.10 -20.51 24.38
C ALA A 42 -12.05 -19.01 24.53
N LEU A 43 -12.60 -18.51 25.63
CA LEU A 43 -12.52 -17.12 25.98
C LEU A 43 -11.74 -17.00 27.27
N VAL A 44 -10.83 -16.04 27.36
CA VAL A 44 -10.07 -15.85 28.58
C VAL A 44 -10.14 -14.39 28.98
N ALA A 45 -10.41 -14.13 30.26
CA ALA A 45 -10.35 -12.78 30.80
C ALA A 45 -9.81 -12.74 32.26
N GLY A 46 -9.89 -11.58 32.88
CA GLY A 46 -9.41 -11.39 34.24
C GLY A 46 -10.53 -11.45 35.27
N LYS A 47 -11.29 -10.36 35.36
CA LYS A 47 -12.34 -10.18 36.37
C LYS A 47 -13.72 -9.76 35.86
N ASN A 48 -13.88 -9.46 34.56
CA ASN A 48 -15.15 -8.95 34.05
C ASN A 48 -16.19 -10.04 33.80
N VAL A 49 -16.83 -10.48 34.89
CA VAL A 49 -17.73 -11.63 34.84
C VAL A 49 -18.98 -11.33 34.02
N THR A 50 -19.56 -10.15 34.22
CA THR A 50 -20.75 -9.71 33.47
C THR A 50 -20.56 -9.78 31.95
N ARG A 51 -19.46 -9.20 31.45
CA ARG A 51 -19.14 -9.29 30.02
C ARG A 51 -18.93 -10.73 29.60
N MET A 52 -18.15 -11.46 30.39
CA MET A 52 -17.85 -12.87 30.08
C MET A 52 -19.11 -13.75 29.96
N VAL A 53 -20.10 -13.52 30.80
CA VAL A 53 -21.39 -14.24 30.70
C VAL A 53 -22.07 -14.03 29.36
N GLU A 54 -22.24 -12.78 28.95
CA GLU A 54 -22.84 -12.46 27.65
C GLU A 54 -22.12 -13.09 26.48
N GLN A 55 -20.78 -12.96 26.49
CA GLN A 55 -20.00 -13.55 25.40
C GLN A 55 -20.14 -15.05 25.40
N CYS A 56 -20.13 -15.69 26.56
CA CYS A 56 -20.28 -17.17 26.61
C CYS A 56 -21.65 -17.59 26.06
N LEU A 57 -22.67 -16.81 26.38
CA LEU A 57 -24.06 -17.07 25.91
C LEU A 57 -24.23 -16.95 24.40
N GLU A 58 -23.63 -15.88 23.84
CA GLU A 58 -23.73 -15.63 22.41
C GLU A 58 -22.87 -16.59 21.61
N PHE A 59 -21.66 -16.86 22.09
CA PHE A 59 -20.71 -17.58 21.25
C PHE A 59 -20.46 -19.04 21.64
N SER A 60 -20.94 -19.49 22.81
CA SER A 60 -20.89 -20.93 23.20
C SER A 60 -19.50 -21.54 23.18
N PRO A 61 -18.52 -20.87 23.83
CA PRO A 61 -17.18 -21.48 23.72
C PRO A 61 -17.16 -22.80 24.48
N ARG A 62 -16.29 -23.72 24.10
CA ARG A 62 -16.03 -24.91 24.93
C ARG A 62 -15.55 -24.52 26.35
N TYR A 63 -14.74 -23.46 26.45
CA TYR A 63 -14.13 -23.08 27.73
C TYR A 63 -14.18 -21.59 27.91
N ALA A 64 -14.29 -21.20 29.15
CA ALA A 64 -14.08 -19.83 29.57
C ALA A 64 -13.13 -19.86 30.75
N VAL A 65 -12.11 -19.01 30.75
CA VAL A 65 -11.29 -18.85 31.93
C VAL A 65 -11.23 -17.46 32.44
N MET A 66 -11.25 -17.33 33.76
CA MET A 66 -11.04 -16.07 34.41
C MET A 66 -9.75 -16.25 35.16
N ASP A 67 -8.88 -15.24 35.13
CA ASP A 67 -7.64 -15.34 35.86
C ASP A 67 -7.91 -15.31 37.38
N ASP A 68 -8.85 -14.46 37.79
CA ASP A 68 -9.22 -14.31 39.17
C ASP A 68 -10.12 -15.49 39.60
N GLU A 69 -9.73 -16.16 40.68
CA GLU A 69 -10.44 -17.37 41.13
C GLU A 69 -11.89 -17.11 41.61
N ALA A 70 -12.11 -16.01 42.33
CA ALA A 70 -13.49 -15.69 42.75
C ALA A 70 -14.36 -15.31 41.55
N SER A 71 -13.78 -14.52 40.63
CA SER A 71 -14.46 -14.21 39.37
C SER A 71 -14.84 -15.47 38.64
N ALA A 72 -13.91 -16.42 38.56
CA ALA A 72 -14.19 -17.69 37.87
C ALA A 72 -15.26 -18.53 38.58
N LYS A 73 -15.30 -18.50 39.91
CA LYS A 73 -16.35 -19.23 40.66
C LYS A 73 -17.74 -18.63 40.39
N LEU A 74 -17.87 -17.31 40.54
CA LEU A 74 -19.08 -16.58 40.13
C LEU A 74 -19.53 -16.99 38.72
N LEU A 75 -18.66 -16.82 37.72
CA LEU A 75 -18.97 -17.20 36.34
C LEU A 75 -19.45 -18.65 36.18
N LYS A 76 -18.85 -19.56 36.96
CA LYS A 76 -19.24 -20.98 36.88
C LYS A 76 -20.74 -21.20 37.21
N THR A 77 -21.21 -20.56 38.26
CA THR A 77 -22.61 -20.69 38.71
C THR A 77 -23.60 -20.04 37.74
N MET A 78 -23.33 -18.76 37.44
CA MET A 78 -24.13 -17.95 36.52
C MET A 78 -24.35 -18.66 35.22
N LEU A 79 -23.31 -19.31 34.70
CA LEU A 79 -23.40 -20.01 33.42
C LEU A 79 -24.16 -21.33 33.45
N GLN A 80 -24.07 -22.03 34.59
CA GLN A 80 -24.76 -23.31 34.80
C GLN A 80 -26.30 -23.05 34.78
N GLN A 81 -26.73 -22.14 35.64
CA GLN A 81 -28.11 -21.63 35.59
C GLN A 81 -28.63 -21.29 34.19
N GLN A 82 -27.98 -20.35 33.51
CA GLN A 82 -28.39 -19.93 32.16
C GLN A 82 -28.31 -21.08 31.19
N GLY A 83 -27.94 -22.25 31.72
CA GLY A 83 -27.88 -23.47 30.95
C GLY A 83 -26.82 -23.57 29.90
N SER A 84 -25.75 -22.77 30.00
CA SER A 84 -24.63 -22.92 29.05
C SER A 84 -23.79 -24.15 29.40
N ARG A 85 -23.34 -24.85 28.36
CA ARG A 85 -22.39 -25.95 28.48
C ARG A 85 -20.91 -25.51 28.48
N THR A 86 -20.63 -24.21 28.64
CA THR A 86 -19.20 -23.82 28.65
C THR A 86 -18.51 -24.25 29.97
N GLU A 87 -17.34 -24.87 29.85
CA GLU A 87 -16.64 -25.32 31.02
C GLU A 87 -15.78 -24.18 31.61
N VAL A 88 -16.05 -23.80 32.85
CA VAL A 88 -15.37 -22.66 33.43
C VAL A 88 -14.09 -23.08 34.23
N LEU A 89 -12.95 -22.48 33.87
CA LEU A 89 -11.66 -22.78 34.53
C LEU A 89 -11.09 -21.50 35.11
N SER A 90 -10.04 -21.60 35.91
CA SER A 90 -9.47 -20.42 36.55
C SER A 90 -7.93 -20.41 36.53
N GLY A 91 -7.34 -19.23 36.66
CA GLY A 91 -5.87 -19.06 36.80
C GLY A 91 -5.06 -19.06 35.49
N GLN A 92 -3.74 -18.85 35.63
CA GLN A 92 -2.86 -18.57 34.50
C GLN A 92 -2.53 -19.82 33.72
N GLN A 93 -2.30 -20.94 34.41
CA GLN A 93 -2.02 -22.21 33.70
C GLN A 93 -3.15 -22.57 32.71
N ALA A 94 -4.39 -22.44 33.18
CA ALA A 94 -5.60 -22.68 32.38
C ALA A 94 -5.65 -21.71 31.16
N ALA A 95 -5.32 -20.46 31.40
CA ALA A 95 -5.18 -19.46 30.32
C ALA A 95 -4.15 -19.84 29.27
N CYS A 96 -2.99 -20.37 29.71
CA CYS A 96 -1.96 -20.80 28.77
C CYS A 96 -2.37 -22.05 28.01
N ASP A 97 -3.06 -22.96 28.70
CA ASP A 97 -3.56 -24.18 28.07
C ASP A 97 -4.57 -23.85 26.95
N MET A 98 -5.40 -22.81 27.13
CA MET A 98 -6.39 -22.44 26.08
C MET A 98 -5.67 -21.95 24.85
N ALA A 99 -4.54 -21.25 25.06
CA ALA A 99 -3.71 -20.74 23.95
C ALA A 99 -2.99 -21.88 23.22
N ALA A 100 -2.89 -23.05 23.88
CA ALA A 100 -2.23 -24.23 23.29
C ALA A 100 -3.16 -25.37 22.83
N LEU A 101 -4.49 -25.18 22.92
CA LEU A 101 -5.43 -26.26 22.56
C LEU A 101 -5.12 -26.85 21.19
N GLU A 102 -5.10 -28.18 21.09
CA GLU A 102 -4.78 -28.81 19.81
C GLU A 102 -5.61 -28.31 18.64
N ASP A 103 -6.91 -28.24 18.86
CA ASP A 103 -7.88 -27.94 17.80
C ASP A 103 -7.94 -26.43 17.43
N VAL A 104 -7.26 -25.59 18.22
CA VAL A 104 -7.26 -24.16 17.98
C VAL A 104 -6.28 -23.77 16.85
N ASP A 105 -6.78 -22.97 15.92
CA ASP A 105 -5.97 -22.43 14.82
C ASP A 105 -5.29 -21.06 15.13
N GLN A 106 -6.04 -20.12 15.70
CA GLN A 106 -5.59 -18.76 15.91
C GLN A 106 -5.82 -18.38 17.32
N VAL A 107 -4.89 -17.59 17.86
CA VAL A 107 -5.12 -17.01 19.17
C VAL A 107 -4.94 -15.53 19.16
N MET A 108 -6.03 -14.88 19.55
CA MET A 108 -6.08 -13.44 19.72
C MET A 108 -5.44 -13.14 21.04
N ALA A 109 -4.24 -12.54 20.99
CA ALA A 109 -3.43 -12.23 22.17
C ALA A 109 -3.69 -10.81 22.60
N ALA A 110 -4.79 -10.63 23.32
CA ALA A 110 -5.28 -9.29 23.71
C ALA A 110 -5.32 -9.04 25.23
N ILE A 111 -4.53 -9.80 26.00
CA ILE A 111 -4.42 -9.54 27.44
C ILE A 111 -3.56 -8.32 27.59
N VAL A 112 -3.88 -7.43 28.54
CA VAL A 112 -3.05 -6.25 28.83
C VAL A 112 -1.87 -6.57 29.81
N GLY A 113 -0.70 -5.95 29.58
CA GLY A 113 0.34 -5.88 30.60
C GLY A 113 1.18 -7.16 30.65
N ALA A 114 2.12 -7.20 31.59
CA ALA A 114 2.97 -8.39 31.80
C ALA A 114 2.19 -9.73 31.93
N ALA A 115 0.94 -9.69 32.42
CA ALA A 115 0.04 -10.85 32.44
C ALA A 115 -0.22 -11.48 31.05
N GLY A 116 -0.05 -10.74 29.96
CA GLY A 116 -0.26 -11.31 28.61
C GLY A 116 0.89 -12.21 28.17
N LEU A 117 2.04 -12.11 28.83
CA LEU A 117 3.27 -12.77 28.34
C LEU A 117 3.25 -14.33 28.25
N LEU A 118 2.99 -15.00 29.36
CA LEU A 118 2.99 -16.47 29.36
C LEU A 118 1.87 -17.04 28.49
N PRO A 119 0.66 -16.46 28.55
CA PRO A 119 -0.32 -17.02 27.60
C PRO A 119 0.03 -16.79 26.13
N THR A 120 0.60 -15.64 25.80
CA THR A 120 1.02 -15.44 24.40
C THR A 120 2.13 -16.41 24.02
N LEU A 121 3.16 -16.51 24.85
CA LEU A 121 4.23 -17.50 24.66
C LEU A 121 3.74 -18.94 24.50
N ALA A 122 2.72 -19.30 25.29
CA ALA A 122 2.13 -20.65 25.20
C ALA A 122 1.61 -20.87 23.77
N ALA A 123 0.96 -19.86 23.19
CA ALA A 123 0.47 -19.93 21.82
C ALA A 123 1.61 -20.08 20.83
N ILE A 124 2.66 -19.29 21.00
CA ILE A 124 3.82 -19.40 20.15
C ILE A 124 4.49 -20.81 20.19
N ARG A 125 4.70 -21.34 21.40
CA ARG A 125 5.34 -22.64 21.59
C ARG A 125 4.53 -23.76 20.96
N ALA A 126 3.24 -23.52 20.81
CA ALA A 126 2.32 -24.47 20.22
C ALA A 126 2.20 -24.33 18.71
N GLY A 127 2.91 -23.36 18.12
CA GLY A 127 2.97 -23.22 16.68
C GLY A 127 1.71 -22.58 16.12
N LYS A 128 0.97 -21.88 16.98
CA LYS A 128 -0.29 -21.30 16.56
C LYS A 128 -0.10 -20.09 15.66
N THR A 129 -1.16 -19.70 14.97
CA THR A 129 -1.23 -18.36 14.38
C THR A 129 -1.64 -17.39 15.51
N ILE A 130 -0.80 -16.39 15.76
CA ILE A 130 -1.03 -15.44 16.85
C ILE A 130 -1.39 -14.08 16.24
N LEU A 131 -2.60 -13.64 16.53
CA LEU A 131 -3.11 -12.27 16.28
C LEU A 131 -2.58 -11.45 17.44
N LEU A 132 -1.44 -10.79 17.21
CA LEU A 132 -0.69 -10.17 18.28
C LEU A 132 -1.16 -8.76 18.56
N ALA A 133 -1.75 -8.57 19.74
CA ALA A 133 -2.09 -7.23 20.27
C ALA A 133 -1.24 -6.79 21.50
N ASN A 134 -1.07 -7.68 22.47
CA ASN A 134 -0.36 -7.39 23.73
C ASN A 134 1.00 -6.69 23.43
N LYS A 135 1.22 -5.47 23.94
CA LYS A 135 2.44 -4.69 23.69
C LYS A 135 3.68 -5.30 24.33
N GLU A 136 3.52 -5.85 25.52
CA GLU A 136 4.67 -6.30 26.32
C GLU A 136 5.38 -7.43 25.61
N SER A 137 4.63 -8.21 24.84
CA SER A 137 5.21 -9.33 24.11
C SER A 137 6.53 -8.92 23.43
N LEU A 138 6.51 -7.88 22.63
CA LEU A 138 7.71 -7.55 21.87
C LEU A 138 8.43 -6.35 22.48
N VAL A 139 7.73 -5.54 23.29
CA VAL A 139 8.39 -4.43 23.98
C VAL A 139 9.39 -5.01 25.00
N THR A 140 8.99 -6.09 25.69
CA THR A 140 9.85 -6.59 26.78
C THR A 140 10.54 -7.92 26.43
N CYS A 141 9.86 -8.74 25.62
CA CYS A 141 10.36 -10.06 25.29
C CYS A 141 10.64 -10.25 23.80
N GLY A 142 10.95 -9.16 23.09
CA GLY A 142 11.11 -9.23 21.64
C GLY A 142 12.08 -10.33 21.18
N ARG A 143 13.27 -10.40 21.80
CA ARG A 143 14.25 -11.41 21.41
C ARG A 143 13.77 -12.80 21.75
N LEU A 144 13.20 -12.95 22.94
CA LEU A 144 12.72 -14.24 23.40
C LEU A 144 11.63 -14.77 22.53
N PHE A 145 10.68 -13.89 22.22
CA PHE A 145 9.52 -14.29 21.45
C PHE A 145 9.83 -14.54 19.98
N MET A 146 10.65 -13.68 19.38
CA MET A 146 11.04 -13.93 17.97
C MET A 146 11.89 -15.20 17.79
N ASP A 147 12.78 -15.47 18.73
CA ASP A 147 13.51 -16.76 18.79
C ASP A 147 12.52 -17.94 18.89
N ALA A 148 11.54 -17.80 19.78
CA ALA A 148 10.52 -18.81 19.92
C ALA A 148 9.70 -19.00 18.65
N VAL A 149 9.25 -17.93 17.99
CA VAL A 149 8.47 -18.13 16.76
C VAL A 149 9.32 -18.71 15.63
N LYS A 150 10.59 -18.31 15.56
CA LYS A 150 11.46 -18.91 14.59
C LYS A 150 11.57 -20.45 14.81
N GLN A 151 11.56 -20.88 16.09
CA GLN A 151 11.74 -22.27 16.46
C GLN A 151 10.49 -23.11 16.17
N SER A 152 9.30 -22.69 16.58
CA SER A 152 8.06 -23.42 16.29
C SER A 152 7.46 -23.11 14.92
N LYS A 153 8.02 -22.09 14.26
CA LYS A 153 7.40 -21.51 13.06
C LYS A 153 5.93 -21.06 13.29
N ALA A 154 5.64 -20.48 14.45
CA ALA A 154 4.33 -19.85 14.71
C ALA A 154 4.18 -18.68 13.74
N GLN A 155 2.96 -18.38 13.29
CA GLN A 155 2.78 -17.20 12.42
C GLN A 155 2.29 -16.04 13.28
N LEU A 156 3.07 -14.95 13.32
CA LEU A 156 2.60 -13.70 13.95
C LEU A 156 1.88 -12.83 12.95
N LEU A 157 0.74 -12.28 13.40
CA LEU A 157 -0.06 -11.35 12.63
C LEU A 157 -0.40 -10.18 13.55
N PRO A 158 0.28 -9.02 13.35
CA PRO A 158 0.12 -7.90 14.28
C PRO A 158 -1.20 -7.21 14.06
N VAL A 159 -1.87 -6.99 15.18
CA VAL A 159 -3.17 -6.36 15.27
C VAL A 159 -3.09 -4.84 15.39
N ASP A 160 -2.10 -4.32 16.13
CA ASP A 160 -1.89 -2.87 16.28
C ASP A 160 -1.94 -2.17 14.89
N SER A 161 -2.57 -1.00 14.83
CA SER A 161 -2.82 -0.34 13.56
C SER A 161 -1.55 -0.14 12.68
N GLU A 162 -0.52 0.44 13.28
CA GLU A 162 0.77 0.68 12.60
C GLU A 162 1.45 -0.61 12.09
N HIS A 163 1.60 -1.60 12.98
CA HIS A 163 2.26 -2.84 12.58
C HIS A 163 1.46 -3.60 11.55
N ASN A 164 0.13 -3.58 11.68
CA ASN A 164 -0.75 -4.21 10.68
C ASN A 164 -0.64 -3.55 9.31
N ALA A 165 -0.63 -2.21 9.27
CA ALA A 165 -0.44 -1.43 8.04
C ALA A 165 0.91 -1.81 7.43
N ILE A 166 1.95 -1.86 8.24
CA ILE A 166 3.29 -2.27 7.71
C ILE A 166 3.24 -3.68 7.12
N PHE A 167 2.63 -4.60 7.86
CA PHE A 167 2.52 -5.99 7.43
C PHE A 167 1.83 -6.08 6.06
N GLN A 168 0.68 -5.43 5.94
CA GLN A 168 -0.09 -5.41 4.65
C GLN A 168 0.72 -4.75 3.51
N SER A 169 1.68 -3.87 3.83
CA SER A 169 2.54 -3.18 2.83
C SER A 169 3.88 -3.86 2.54
N LEU A 170 4.05 -5.05 3.10
CA LEU A 170 5.25 -5.86 2.98
C LEU A 170 5.02 -7.00 1.96
N PRO A 171 6.08 -7.45 1.29
CA PRO A 171 5.85 -8.48 0.27
C PRO A 171 5.57 -9.88 0.93
N GLN A 172 4.92 -10.75 0.17
CA GLN A 172 4.45 -12.04 0.64
C GLN A 172 5.53 -12.89 1.33
N PRO A 173 6.78 -12.98 0.79
CA PRO A 173 7.82 -13.78 1.45
C PRO A 173 8.19 -13.30 2.86
N ILE A 174 8.04 -12.01 3.11
CA ILE A 174 8.21 -11.47 4.48
C ILE A 174 6.98 -11.77 5.36
N GLN A 175 5.78 -11.49 4.86
CA GLN A 175 4.53 -11.84 5.60
C GLN A 175 4.52 -13.30 6.14
N HIS A 176 4.96 -14.26 5.30
CA HIS A 176 4.96 -15.69 5.67
C HIS A 176 6.17 -16.14 6.49
N ASN A 177 7.20 -15.31 6.67
CA ASN A 177 8.37 -15.69 7.45
C ASN A 177 8.70 -14.55 8.41
N LEU A 178 7.67 -14.06 9.09
CA LEU A 178 7.76 -12.77 9.75
C LEU A 178 8.63 -12.86 11.00
N GLY A 179 9.69 -12.06 11.02
CA GLY A 179 10.73 -12.15 12.06
C GLY A 179 12.07 -12.62 11.51
N TYR A 180 12.00 -13.57 10.58
CA TYR A 180 13.14 -14.34 10.03
C TYR A 180 13.65 -13.82 8.65
N ALA A 181 12.69 -13.45 7.80
CA ALA A 181 12.99 -12.88 6.51
C ALA A 181 13.92 -11.64 6.54
N ASP A 182 14.72 -11.52 5.49
CA ASP A 182 15.65 -10.44 5.35
C ASP A 182 14.97 -9.31 4.54
N LEU A 183 14.86 -8.11 5.12
CA LEU A 183 14.25 -6.95 4.43
C LEU A 183 14.96 -6.60 3.12
N GLU A 184 16.25 -6.31 3.20
CA GLU A 184 17.06 -6.00 2.01
C GLU A 184 16.88 -6.99 0.86
N GLN A 185 16.97 -8.27 1.14
CA GLN A 185 16.93 -9.31 0.11
C GLN A 185 15.59 -9.34 -0.54
N ASN A 186 14.59 -8.76 0.15
CA ASN A 186 13.22 -8.74 -0.35
C ASN A 186 12.85 -7.38 -0.94
N GLY A 187 13.87 -6.53 -1.13
CA GLY A 187 13.70 -5.27 -1.81
C GLY A 187 13.20 -4.11 -0.96
N VAL A 188 13.15 -4.30 0.37
CA VAL A 188 12.65 -3.30 1.32
C VAL A 188 13.84 -2.48 1.83
N VAL A 189 13.76 -1.17 1.70
CA VAL A 189 14.77 -0.31 2.27
C VAL A 189 14.46 0.20 3.68
N SER A 190 13.19 0.45 4.01
CA SER A 190 12.88 0.85 5.37
C SER A 190 11.39 0.75 5.72
N ILE A 191 11.11 0.83 7.02
CA ILE A 191 9.75 0.74 7.55
C ILE A 191 9.45 2.17 8.03
N LEU A 192 8.33 2.73 7.55
CA LEU A 192 7.96 4.10 7.86
C LEU A 192 6.83 4.04 8.86
N LEU A 193 7.19 4.22 10.13
CA LEU A 193 6.22 4.13 11.18
C LEU A 193 5.61 5.53 11.44
N THR A 194 4.30 5.67 11.31
CA THR A 194 3.70 7.01 11.43
C THR A 194 3.02 7.16 12.81
N GLY A 195 2.99 8.40 13.32
CA GLY A 195 2.37 8.71 14.63
C GLY A 195 1.75 10.09 14.57
N SER A 196 0.71 10.29 15.36
CA SER A 196 -0.07 11.53 15.30
C SER A 196 0.72 12.76 15.75
N GLY A 197 1.70 12.57 16.66
CA GLY A 197 2.37 13.72 17.31
C GLY A 197 1.67 14.23 18.58
N GLY A 198 0.49 13.69 18.89
CA GLY A 198 -0.20 14.03 20.13
C GLY A 198 -0.76 15.45 20.11
N PRO A 199 -1.44 15.86 21.22
CA PRO A 199 -2.04 17.22 21.30
C PRO A 199 -1.04 18.36 21.41
N PHE A 200 0.22 18.08 21.74
CA PHE A 200 1.24 19.14 21.96
C PHE A 200 2.23 19.29 20.80
N ARG A 201 1.76 18.87 19.65
CA ARG A 201 2.57 18.90 18.46
C ARG A 201 3.09 20.30 18.15
N GLU A 202 2.28 21.33 18.39
CA GLU A 202 2.74 22.70 18.15
C GLU A 202 2.92 23.59 19.40
N THR A 203 2.78 23.01 20.58
CA THR A 203 2.97 23.74 21.84
C THR A 203 4.40 24.33 21.98
N PRO A 204 4.50 25.61 22.38
CA PRO A 204 5.84 26.12 22.73
C PRO A 204 6.52 25.14 23.70
N LEU A 205 7.79 24.79 23.49
CA LEU A 205 8.42 23.79 24.35
C LEU A 205 8.34 24.16 25.83
N ARG A 206 8.58 25.44 26.11
CA ARG A 206 8.57 25.95 27.48
C ARG A 206 7.23 25.76 28.16
N ASP A 207 6.15 25.59 27.40
CA ASP A 207 4.83 25.36 28.00
C ASP A 207 4.52 23.90 28.40
N LEU A 208 5.33 22.96 27.91
CA LEU A 208 5.11 21.54 28.15
C LEU A 208 5.07 21.18 29.62
N ALA A 209 5.93 21.83 30.43
CA ALA A 209 6.04 21.55 31.87
C ALA A 209 4.74 21.84 32.64
N THR A 210 3.88 22.70 32.10
CA THR A 210 2.65 23.07 32.80
C THR A 210 1.38 22.43 32.26
N MET A 211 1.51 21.54 31.29
CA MET A 211 0.36 20.84 30.75
C MET A 211 -0.28 19.91 31.77
N THR A 212 -1.61 19.91 31.78
CA THR A 212 -2.38 19.13 32.74
C THR A 212 -2.75 17.75 32.19
N PRO A 213 -3.11 16.80 33.07
CA PRO A 213 -3.58 15.51 32.55
C PRO A 213 -4.69 15.63 31.51
N ASP A 214 -5.69 16.47 31.81
CA ASP A 214 -6.79 16.68 30.89
C ASP A 214 -6.35 17.22 29.52
N GLN A 215 -5.38 18.14 29.51
CA GLN A 215 -4.86 18.61 28.24
C GLN A 215 -4.09 17.50 27.49
N ALA A 216 -3.34 16.66 28.20
CA ALA A 216 -2.55 15.58 27.55
C ALA A 216 -3.44 14.48 27.00
N CYS A 217 -4.60 14.25 27.62
CA CYS A 217 -5.55 13.20 27.20
C CYS A 217 -6.61 13.70 26.23
N ARG A 218 -6.49 14.96 25.83
CA ARG A 218 -7.51 15.58 25.02
C ARG A 218 -6.88 15.55 23.69
N HIS A 219 -6.88 14.36 23.12
CA HIS A 219 -6.47 14.17 21.77
C HIS A 219 -7.61 14.60 20.87
N PRO A 220 -7.34 15.61 20.01
CA PRO A 220 -8.39 16.12 19.10
C PRO A 220 -8.96 14.98 18.22
N ASN A 221 -8.09 14.05 17.83
CA ASN A 221 -8.42 13.02 16.84
C ASN A 221 -8.47 11.57 17.42
N TRP A 222 -8.83 11.44 18.69
CA TRP A 222 -8.84 10.11 19.32
C TRP A 222 -9.66 10.06 20.60
N SER A 223 -10.39 8.95 20.77
CA SER A 223 -11.02 8.60 22.05
C SER A 223 -10.54 7.24 22.52
N MET A 224 -9.54 7.27 23.41
CA MET A 224 -8.88 6.10 23.99
C MET A 224 -8.54 6.35 25.44
N GLY A 225 -7.90 5.37 26.09
CA GLY A 225 -7.62 5.42 27.53
C GLY A 225 -6.63 6.52 27.91
N ARG A 226 -6.61 6.91 29.19
CA ARG A 226 -5.71 7.98 29.67
C ARG A 226 -4.19 7.66 29.53
N LYS A 227 -3.77 6.45 29.91
CA LYS A 227 -2.37 6.04 29.83
C LYS A 227 -1.79 6.11 28.41
N ILE A 228 -2.51 5.52 27.45
CA ILE A 228 -2.16 5.56 26.04
C ILE A 228 -2.26 6.98 25.40
N SER A 229 -3.24 7.77 25.85
CA SER A 229 -3.33 9.17 25.43
C SER A 229 -2.08 9.97 25.83
N VAL A 230 -1.60 9.80 27.05
CA VAL A 230 -0.38 10.47 27.50
C VAL A 230 0.81 9.93 26.70
N ASP A 231 0.90 8.60 26.52
CA ASP A 231 1.97 8.02 25.67
C ASP A 231 1.93 8.61 24.25
N SER A 232 0.76 8.90 23.74
CA SER A 232 0.64 9.61 22.45
C SER A 232 1.20 11.05 22.49
N ALA A 233 0.93 11.77 23.61
CA ALA A 233 1.43 13.17 23.80
C ALA A 233 2.96 13.25 23.91
N THR A 234 3.58 12.26 24.55
CA THR A 234 5.04 12.17 24.70
C THR A 234 5.73 11.45 23.55
N MET A 235 4.94 10.85 22.69
CA MET A 235 5.40 9.87 21.70
C MET A 235 6.17 8.65 22.27
N MET A 236 5.97 8.38 23.55
CA MET A 236 6.36 7.09 24.11
C MET A 236 5.60 5.97 23.37
N ASN A 237 4.37 6.22 22.97
CA ASN A 237 3.65 5.18 22.28
C ASN A 237 4.37 4.78 20.97
N LYS A 238 4.80 5.78 20.20
CA LYS A 238 5.62 5.51 19.00
C LYS A 238 6.94 4.84 19.32
N GLY A 239 7.56 5.25 20.44
CA GLY A 239 8.80 4.64 20.88
C GLY A 239 8.62 3.16 21.17
N LEU A 240 7.49 2.80 21.80
CA LEU A 240 7.24 1.37 22.10
C LEU A 240 6.96 0.60 20.80
N GLU A 241 6.28 1.23 19.85
CA GLU A 241 6.01 0.63 18.55
C GLU A 241 7.26 0.50 17.69
N TYR A 242 8.17 1.48 17.79
CA TYR A 242 9.52 1.35 17.20
C TYR A 242 10.24 0.07 17.71
N ILE A 243 10.20 -0.16 19.03
CA ILE A 243 10.85 -1.35 19.62
C ILE A 243 10.20 -2.59 19.03
N GLU A 244 8.88 -2.61 19.00
CA GLU A 244 8.13 -3.74 18.50
C GLU A 244 8.44 -4.02 17.01
N ALA A 245 8.55 -2.93 16.23
CA ALA A 245 8.74 -2.99 14.78
C ALA A 245 10.08 -3.54 14.43
N ARG A 246 11.11 -3.14 15.18
CA ARG A 246 12.45 -3.66 14.91
C ARG A 246 12.49 -5.19 15.08
N TRP A 247 11.84 -5.68 16.14
CA TRP A 247 11.75 -7.14 16.36
C TRP A 247 10.91 -7.85 15.31
N LEU A 248 9.67 -7.39 15.18
CA LEU A 248 8.66 -7.99 14.32
C LEU A 248 9.10 -8.07 12.87
N PHE A 249 9.73 -7.01 12.38
CA PHE A 249 10.06 -6.93 10.97
C PHE A 249 11.53 -7.17 10.69
N ASN A 250 12.31 -7.45 11.73
CA ASN A 250 13.74 -7.72 11.58
C ASN A 250 14.44 -6.50 10.95
N ALA A 251 14.15 -5.31 11.50
CA ALA A 251 14.60 -4.03 10.97
C ALA A 251 15.73 -3.48 11.84
N SER A 252 16.84 -3.07 11.21
CA SER A 252 17.94 -2.41 11.90
C SER A 252 17.53 -0.95 12.08
N ALA A 253 18.37 -0.18 12.80
CA ALA A 253 18.02 1.20 13.08
C ALA A 253 17.89 2.01 11.79
N SER A 254 18.80 1.77 10.84
CA SER A 254 18.80 2.50 9.58
C SER A 254 17.64 2.06 8.66
N GLN A 255 16.97 0.95 8.98
CA GLN A 255 15.77 0.54 8.23
C GLN A 255 14.43 1.03 8.84
N MET A 256 14.51 1.94 9.79
CA MET A 256 13.33 2.52 10.47
C MET A 256 13.31 4.02 10.28
N GLU A 257 12.12 4.54 10.05
CA GLU A 257 11.89 5.98 9.99
C GLU A 257 10.65 6.20 10.77
N VAL A 258 10.65 7.22 11.63
CA VAL A 258 9.43 7.63 12.35
C VAL A 258 8.99 8.98 11.75
N LEU A 259 7.73 9.09 11.37
CA LEU A 259 7.14 10.27 10.75
C LEU A 259 5.92 10.67 11.53
N ILE A 260 5.82 11.97 11.79
CA ILE A 260 4.58 12.48 12.31
C ILE A 260 3.63 12.70 11.14
N HIS A 261 2.40 12.24 11.33
CA HIS A 261 1.34 12.34 10.35
C HIS A 261 0.09 12.67 11.17
N PRO A 262 -0.18 13.99 11.34
CA PRO A 262 -1.23 14.42 12.29
C PRO A 262 -2.63 13.84 12.07
N GLN A 263 -3.00 13.53 10.83
CA GLN A 263 -4.34 13.07 10.56
C GLN A 263 -4.56 11.58 10.82
N SER A 264 -3.47 10.83 10.98
CA SER A 264 -3.57 9.38 11.21
C SER A 264 -4.43 8.64 10.18
N VAL A 265 -4.44 9.12 8.95
CA VAL A 265 -5.19 8.43 7.88
C VAL A 265 -4.32 7.33 7.25
N ILE A 266 -3.11 7.67 6.88
CA ILE A 266 -2.12 6.66 6.54
C ILE A 266 -1.68 6.01 7.89
N HIS A 267 -1.77 4.70 7.98
CA HIS A 267 -1.51 4.00 9.26
C HIS A 267 -0.02 3.58 9.45
N SER A 268 0.71 3.46 8.36
CA SER A 268 2.20 3.34 8.31
C SER A 268 2.50 2.84 6.90
N MET A 269 3.79 2.76 6.53
CA MET A 269 4.19 2.54 5.15
C MET A 269 5.50 1.75 5.06
N VAL A 270 5.76 1.22 3.84
CA VAL A 270 6.99 0.50 3.54
C VAL A 270 7.65 1.08 2.27
N ARG A 271 8.94 1.37 2.39
CA ARG A 271 9.73 1.97 1.31
C ARG A 271 10.54 0.87 0.57
N TYR A 272 10.43 0.83 -0.75
CA TYR A 272 11.09 -0.22 -1.52
C TYR A 272 12.28 0.33 -2.33
N GLN A 273 13.15 -0.59 -2.70
CA GLN A 273 14.41 -0.32 -3.47
C GLN A 273 14.21 0.51 -4.74
N ASP A 274 13.09 0.31 -5.44
CA ASP A 274 12.81 1.06 -6.68
C ASP A 274 12.29 2.49 -6.51
N GLY A 275 12.09 2.88 -5.24
CA GLY A 275 11.50 4.17 -4.92
C GLY A 275 10.03 4.06 -4.49
N SER A 276 9.36 2.93 -4.77
CA SER A 276 7.94 2.75 -4.41
C SER A 276 7.79 2.82 -2.91
N VAL A 277 6.69 3.40 -2.44
CA VAL A 277 6.29 3.37 -1.03
C VAL A 277 4.87 2.75 -1.00
N LEU A 278 4.68 1.71 -0.22
CA LEU A 278 3.36 1.09 -0.09
C LEU A 278 2.83 1.52 1.27
N ALA A 279 1.53 1.83 1.33
CA ALA A 279 0.87 2.35 2.54
C ALA A 279 -0.50 1.68 2.71
N GLN A 280 -0.95 1.59 3.96
CA GLN A 280 -2.31 1.18 4.26
C GLN A 280 -2.98 2.42 4.91
N LEU A 281 -4.20 2.70 4.45
CA LEU A 281 -5.03 3.78 4.93
C LEU A 281 -6.33 3.17 5.36
N GLY A 282 -7.05 3.84 6.24
CA GLY A 282 -8.42 3.38 6.47
C GLY A 282 -9.08 4.15 7.56
N GLU A 283 -10.35 3.87 7.77
CA GLU A 283 -11.14 4.47 8.86
C GLU A 283 -10.49 4.07 10.19
N PRO A 284 -10.53 4.98 11.18
CA PRO A 284 -9.92 4.64 12.47
C PRO A 284 -10.83 3.69 13.29
N ASP A 285 -10.78 2.39 12.99
CA ASP A 285 -11.63 1.40 13.62
C ASP A 285 -10.79 0.12 13.74
N MET A 286 -10.61 -0.42 14.95
CA MET A 286 -9.75 -1.59 15.16
C MET A 286 -10.27 -2.86 14.51
N ARG A 287 -11.55 -2.92 14.18
CA ARG A 287 -12.03 -4.10 13.50
C ARG A 287 -11.37 -4.35 12.16
N THR A 288 -10.88 -3.29 11.49
CA THR A 288 -10.13 -3.47 10.23
C THR A 288 -8.84 -4.33 10.38
N PRO A 289 -7.86 -3.86 11.18
CA PRO A 289 -6.68 -4.74 11.33
C PRO A 289 -6.99 -6.11 11.97
N ILE A 290 -7.96 -6.17 12.90
CA ILE A 290 -8.37 -7.44 13.52
C ILE A 290 -8.86 -8.40 12.45
N ALA A 291 -9.78 -7.93 11.59
CA ALA A 291 -10.32 -8.76 10.51
C ALA A 291 -9.25 -9.14 9.49
N HIS A 292 -8.34 -8.20 9.18
CA HIS A 292 -7.23 -8.52 8.29
C HIS A 292 -6.47 -9.77 8.82
N THR A 293 -6.11 -9.73 10.10
CA THR A 293 -5.33 -10.84 10.73
C THR A 293 -6.13 -12.15 10.79
N MET A 294 -7.37 -12.04 11.16
CA MET A 294 -8.26 -13.21 11.23
C MET A 294 -8.43 -13.89 9.86
N ALA A 295 -8.59 -13.10 8.79
CA ALA A 295 -8.85 -13.70 7.48
C ALA A 295 -7.60 -13.99 6.65
N TRP A 296 -6.47 -13.38 7.00
CA TRP A 296 -5.23 -13.57 6.22
C TRP A 296 -4.93 -15.04 5.88
N PRO A 297 -4.60 -15.37 4.60
CA PRO A 297 -4.31 -14.46 3.45
C PRO A 297 -5.52 -13.90 2.66
N ASN A 298 -6.73 -14.16 3.12
CA ASN A 298 -7.93 -13.70 2.44
C ASN A 298 -8.49 -12.51 3.21
N ARG A 299 -9.71 -12.06 2.85
CA ARG A 299 -10.36 -10.92 3.48
C ARG A 299 -11.77 -11.25 3.90
N VAL A 300 -12.29 -10.43 4.80
CA VAL A 300 -13.58 -10.66 5.38
C VAL A 300 -14.20 -9.26 5.65
N ASN A 301 -15.53 -9.16 5.59
CA ASN A 301 -16.21 -7.95 6.05
C ASN A 301 -16.01 -7.82 7.55
N SER A 302 -15.75 -6.58 7.98
CA SER A 302 -15.40 -6.25 9.34
C SER A 302 -16.46 -5.35 10.00
N GLY A 303 -17.44 -4.89 9.23
CA GLY A 303 -18.38 -3.90 9.73
C GLY A 303 -17.91 -2.47 9.54
N VAL A 304 -16.67 -2.30 9.06
CA VAL A 304 -16.09 -0.96 8.97
C VAL A 304 -16.49 -0.39 7.62
N LYS A 305 -16.94 0.84 7.66
CA LYS A 305 -17.36 1.55 6.43
C LYS A 305 -16.15 2.00 5.57
N PRO A 306 -16.32 2.00 4.22
CA PRO A 306 -15.23 2.45 3.37
C PRO A 306 -14.79 3.90 3.70
N LEU A 307 -13.48 4.12 3.74
CA LEU A 307 -12.92 5.45 3.96
C LEU A 307 -13.41 6.44 2.89
N ASP A 308 -13.97 7.56 3.33
CA ASP A 308 -14.46 8.56 2.39
C ASP A 308 -13.37 9.59 2.13
N PHE A 309 -12.70 9.46 1.00
CA PHE A 309 -11.60 10.37 0.68
C PHE A 309 -12.03 11.82 0.47
N CYS A 310 -13.33 12.04 0.26
CA CYS A 310 -13.84 13.39 0.06
C CYS A 310 -14.20 14.10 1.34
N LYS A 311 -14.06 13.41 2.46
CA LYS A 311 -14.29 14.03 3.78
C LYS A 311 -13.09 14.02 4.70
N LEU A 312 -11.91 14.31 4.18
CA LEU A 312 -10.67 14.16 4.92
C LEU A 312 -10.03 15.51 5.17
N SER A 313 -9.30 15.68 6.28
CA SER A 313 -8.35 16.78 6.36
C SER A 313 -7.20 16.54 5.38
N ALA A 314 -6.58 17.60 4.86
CA ALA A 314 -5.36 17.49 4.09
C ALA A 314 -4.33 16.68 4.85
N LEU A 315 -3.67 15.73 4.17
CA LEU A 315 -2.68 14.86 4.83
C LEU A 315 -1.31 15.50 4.86
N THR A 316 -0.72 15.61 6.04
CA THR A 316 0.58 16.25 6.22
C THR A 316 1.54 15.36 6.98
N PHE A 317 2.83 15.70 6.90
CA PHE A 317 3.88 14.89 7.48
C PHE A 317 4.99 15.76 8.02
N ALA A 318 5.66 15.30 9.07
CA ALA A 318 6.76 16.04 9.65
C ALA A 318 7.76 15.12 10.36
N ALA A 319 8.99 15.60 10.57
CA ALA A 319 10.03 14.83 11.25
C ALA A 319 9.88 15.10 12.76
N PRO A 320 9.93 14.05 13.62
CA PRO A 320 9.84 14.28 15.06
C PRO A 320 11.04 15.06 15.59
N ASP A 321 10.76 16.01 16.46
CA ASP A 321 11.81 16.77 17.13
C ASP A 321 11.98 16.08 18.51
N TYR A 322 13.18 15.56 18.78
CA TYR A 322 13.47 14.85 20.02
C TYR A 322 13.57 15.74 21.23
N ASP A 323 13.72 17.07 21.01
CA ASP A 323 13.55 18.04 22.11
C ASP A 323 12.09 18.09 22.51
N ARG A 324 11.18 17.92 21.58
CA ARG A 324 9.76 17.90 21.88
C ARG A 324 9.31 16.51 22.39
N TYR A 325 9.96 15.46 21.88
CA TYR A 325 9.57 14.08 22.22
C TYR A 325 10.74 13.26 22.78
N PRO A 326 11.32 13.68 23.92
CA PRO A 326 12.46 12.91 24.41
C PRO A 326 12.17 11.40 24.63
N CYS A 327 10.92 11.01 24.95
CA CYS A 327 10.61 9.56 25.18
C CYS A 327 10.81 8.73 23.90
N LEU A 328 10.63 9.34 22.74
CA LEU A 328 10.78 8.63 21.47
C LEU A 328 12.24 8.25 21.35
N LYS A 329 13.10 9.23 21.61
CA LYS A 329 14.52 9.00 21.50
C LYS A 329 15.03 8.02 22.61
N LEU A 330 14.53 8.16 23.82
CA LEU A 330 14.81 7.16 24.87
C LEU A 330 14.52 5.72 24.45
N ALA A 331 13.36 5.49 23.85
CA ALA A 331 12.97 4.20 23.35
C ALA A 331 13.94 3.66 22.31
N MET A 332 14.32 4.50 21.35
CA MET A 332 15.27 4.10 20.34
C MET A 332 16.62 3.72 20.97
N GLU A 333 17.14 4.53 21.90
CA GLU A 333 18.36 4.21 22.64
C GLU A 333 18.21 2.94 23.49
N ALA A 334 17.07 2.81 24.17
CA ALA A 334 16.77 1.63 24.99
C ALA A 334 16.89 0.34 24.13
N PHE A 335 16.41 0.37 22.89
CA PHE A 335 16.51 -0.81 22.02
C PHE A 335 17.94 -1.33 21.88
N GLU A 336 18.88 -0.40 21.72
CA GLU A 336 20.28 -0.73 21.51
C GLU A 336 20.88 -1.38 22.75
N GLN A 337 20.32 -1.06 23.91
CA GLN A 337 20.79 -1.65 25.17
C GLN A 337 20.19 -2.99 25.48
N GLY A 338 19.13 -3.40 24.79
CA GLY A 338 18.60 -4.74 24.96
C GLY A 338 17.26 -4.79 25.69
N GLN A 339 16.72 -6.00 25.84
CA GLN A 339 15.42 -6.21 26.50
C GLN A 339 15.38 -5.79 27.94
N ALA A 340 16.52 -5.74 28.63
CA ALA A 340 16.52 -5.26 30.03
C ALA A 340 16.16 -3.77 30.02
N ALA A 341 16.70 -3.01 29.08
CA ALA A 341 16.45 -1.57 29.00
C ALA A 341 15.06 -1.26 28.47
N THR A 342 14.57 -1.98 27.47
CA THR A 342 13.23 -1.69 26.96
C THR A 342 12.15 -2.09 27.99
N THR A 343 12.40 -3.18 28.71
CA THR A 343 11.50 -3.66 29.77
C THR A 343 11.45 -2.61 30.89
N ALA A 344 12.63 -2.17 31.34
CA ALA A 344 12.74 -1.12 32.36
C ALA A 344 12.09 0.21 31.94
N LEU A 345 12.30 0.62 30.69
CA LEU A 345 11.65 1.84 30.12
C LEU A 345 10.17 1.70 30.17
N ASN A 346 9.68 0.58 29.68
CA ASN A 346 8.22 0.35 29.70
C ASN A 346 7.64 0.38 31.10
N ALA A 347 8.35 -0.25 32.04
CA ALA A 347 7.85 -0.33 33.39
C ALA A 347 7.93 1.07 34.05
N ALA A 348 9.09 1.75 33.99
CA ALA A 348 9.23 3.12 34.50
C ALA A 348 8.11 4.01 33.96
N ASN A 349 7.83 3.93 32.65
CA ASN A 349 6.78 4.72 32.01
C ASN A 349 5.35 4.45 32.52
N GLU A 350 5.02 3.20 32.86
CA GLU A 350 3.72 2.95 33.51
C GLU A 350 3.61 3.72 34.80
N ILE A 351 4.67 3.71 35.54
CA ILE A 351 4.68 4.40 36.85
C ILE A 351 4.67 5.94 36.75
N THR A 352 5.52 6.50 35.87
CA THR A 352 5.61 7.94 35.74
C THR A 352 4.34 8.51 35.09
N VAL A 353 3.80 7.82 34.07
CA VAL A 353 2.52 8.25 33.51
C VAL A 353 1.41 8.22 34.58
N ALA A 354 1.31 7.16 35.40
CA ALA A 354 0.21 7.13 36.39
C ALA A 354 0.44 8.25 37.42
N ALA A 355 1.69 8.55 37.74
CA ALA A 355 2.01 9.62 38.69
C ALA A 355 1.63 11.00 38.10
N PHE A 356 1.89 11.20 36.81
CA PHE A 356 1.46 12.41 36.12
C PHE A 356 -0.05 12.57 36.18
N LEU A 357 -0.77 11.48 35.90
CA LEU A 357 -2.23 11.54 35.85
C LEU A 357 -2.82 11.78 37.23
N ALA A 358 -2.05 11.43 38.29
CA ALA A 358 -2.42 11.67 39.69
C ALA A 358 -1.90 13.02 40.22
N GLN A 359 -1.32 13.81 39.32
CA GLN A 359 -0.86 15.12 39.64
C GLN A 359 0.19 15.04 40.68
N GLN A 360 1.00 13.97 40.67
CA GLN A 360 2.18 13.89 41.56
C GLN A 360 3.41 14.51 40.90
N ILE A 361 3.42 14.52 39.57
CA ILE A 361 4.55 15.03 38.79
C ILE A 361 4.04 15.82 37.58
N ARG A 362 4.95 16.55 36.93
CA ARG A 362 4.66 17.34 35.74
C ARG A 362 4.74 16.51 34.48
N PHE A 363 4.10 17.00 33.42
CA PHE A 363 4.11 16.33 32.12
C PHE A 363 5.53 16.01 31.64
N THR A 364 6.43 16.97 31.85
CA THR A 364 7.79 16.82 31.46
C THR A 364 8.62 15.95 32.42
N ASP A 365 8.10 15.66 33.63
CA ASP A 365 8.82 14.74 34.53
C ASP A 365 8.73 13.27 34.06
N ILE A 366 7.80 12.95 33.17
CA ILE A 366 7.72 11.58 32.61
C ILE A 366 9.02 11.22 31.91
N ALA A 367 9.46 11.98 30.92
CA ALA A 367 10.71 11.65 30.22
C ALA A 367 11.92 11.75 31.14
N ALA A 368 11.95 12.76 32.01
CA ALA A 368 13.09 12.97 32.87
C ALA A 368 13.20 11.78 33.85
N LEU A 369 12.11 11.38 34.50
CA LEU A 369 12.18 10.23 35.44
C LEU A 369 12.38 8.87 34.73
N ASN A 370 11.80 8.72 33.51
CA ASN A 370 12.03 7.50 32.71
C ASN A 370 13.54 7.36 32.42
N LEU A 371 14.19 8.46 32.06
CA LEU A 371 15.65 8.46 31.83
C LEU A 371 16.40 8.13 33.14
N SER A 372 16.01 8.79 34.22
CA SER A 372 16.68 8.58 35.51
C SER A 372 16.59 7.09 35.96
N VAL A 373 15.44 6.43 35.77
CA VAL A 373 15.31 5.01 36.07
C VAL A 373 16.27 4.16 35.24
N LEU A 374 16.27 4.39 33.93
CA LEU A 374 17.21 3.69 33.04
C LEU A 374 18.68 3.83 33.46
N GLU A 375 19.04 5.05 33.89
CA GLU A 375 20.38 5.41 34.35
C GLU A 375 20.77 4.66 35.62
N LYS A 376 19.81 4.47 36.50
CA LYS A 376 20.03 3.74 37.74
C LYS A 376 19.98 2.21 37.63
N MET A 377 19.39 1.68 36.55
CA MET A 377 19.28 0.23 36.38
C MET A 377 20.60 -0.29 35.87
N ASP A 378 20.86 -1.54 36.18
CA ASP A 378 22.06 -2.21 35.75
C ASP A 378 21.65 -3.66 35.82
N MET A 379 20.82 -4.11 34.89
CA MET A 379 20.43 -5.51 34.89
C MET A 379 21.01 -6.29 33.69
N ARG A 380 21.18 -7.60 33.84
CA ARG A 380 21.71 -8.41 32.77
C ARG A 380 20.62 -8.61 31.73
N GLU A 381 21.01 -8.93 30.50
CA GLU A 381 20.03 -9.31 29.48
C GLU A 381 19.14 -10.43 30.03
N PRO A 382 17.80 -10.24 29.99
CA PRO A 382 16.94 -11.35 30.39
C PRO A 382 17.10 -12.59 29.48
N GLN A 383 16.96 -13.78 30.04
CA GLN A 383 17.16 -15.00 29.30
C GLN A 383 15.90 -15.81 29.26
N CYS A 384 14.84 -15.33 29.92
CA CYS A 384 13.56 -16.05 29.93
C CYS A 384 12.50 -15.08 30.42
N VAL A 385 11.22 -15.42 30.30
CA VAL A 385 10.13 -14.52 30.76
C VAL A 385 10.28 -14.15 32.25
N ASP A 386 10.71 -15.10 33.07
CA ASP A 386 10.85 -14.84 34.50
C ASP A 386 11.89 -13.77 34.75
N ASP A 387 12.96 -13.77 33.97
CA ASP A 387 13.96 -12.72 34.07
C ASP A 387 13.34 -11.38 33.70
N VAL A 388 12.53 -11.35 32.65
CA VAL A 388 11.83 -10.11 32.21
C VAL A 388 10.91 -9.59 33.30
N LEU A 389 10.16 -10.50 33.93
CA LEU A 389 9.25 -10.09 34.97
C LEU A 389 10.01 -9.49 36.19
N SER A 390 11.21 -9.99 36.43
CA SER A 390 12.04 -9.42 37.50
C SER A 390 12.60 -8.03 37.14
N VAL A 391 13.04 -7.82 35.89
CA VAL A 391 13.43 -6.45 35.48
C VAL A 391 12.25 -5.46 35.64
N ASP A 392 11.06 -5.90 35.24
CA ASP A 392 9.89 -5.10 35.29
C ASP A 392 9.61 -4.72 36.77
N ALA A 393 9.52 -5.72 37.67
CA ALA A 393 9.30 -5.45 39.11
C ALA A 393 10.31 -4.45 39.68
N ASN A 394 11.59 -4.63 39.38
CA ASN A 394 12.62 -3.79 39.89
C ASN A 394 12.58 -2.37 39.36
N ALA A 395 12.30 -2.24 38.06
CA ALA A 395 12.19 -0.93 37.41
C ALA A 395 11.01 -0.18 37.96
N ARG A 396 9.89 -0.87 38.24
CA ARG A 396 8.75 -0.24 38.89
C ARG A 396 9.12 0.40 40.27
N GLU A 397 9.85 -0.35 41.08
CA GLU A 397 10.23 0.13 42.42
C GLU A 397 11.21 1.33 42.32
N VAL A 398 12.17 1.25 41.41
CA VAL A 398 13.09 2.37 41.17
C VAL A 398 12.30 3.61 40.74
N ALA A 399 11.38 3.42 39.80
CA ALA A 399 10.52 4.51 39.33
C ALA A 399 9.61 5.14 40.42
N ARG A 400 9.01 4.28 41.26
CA ARG A 400 8.13 4.74 42.36
C ARG A 400 8.91 5.62 43.32
N LYS A 401 10.11 5.18 43.61
CA LYS A 401 11.00 5.91 44.50
C LYS A 401 11.43 7.24 43.90
N GLU A 402 11.62 7.27 42.57
CA GLU A 402 11.94 8.51 41.87
C GLU A 402 10.76 9.47 41.91
N VAL A 403 9.55 8.97 41.72
CA VAL A 403 8.39 9.82 41.85
C VAL A 403 8.27 10.43 43.27
N MET A 404 8.45 9.59 44.28
CA MET A 404 8.32 10.00 45.68
C MET A 404 9.42 11.02 46.06
N ARG A 405 10.62 10.82 45.53
CA ARG A 405 11.72 11.71 45.79
C ARG A 405 11.37 13.12 45.26
N LEU A 406 10.66 13.14 44.14
CA LEU A 406 10.32 14.37 43.44
C LEU A 406 9.07 15.02 43.98
N ALA A 407 8.16 14.21 44.51
CA ALA A 407 6.93 14.75 45.09
C ALA A 407 7.17 15.23 46.54
N SER A 408 8.19 14.66 47.17
CA SER A 408 8.47 15.01 48.55
C SER A 408 9.42 16.20 48.69
N SER A 409 10.50 16.22 47.90
CA SER A 409 11.68 17.00 48.32
C SER A 409 12.40 17.82 47.24
N ALA A 410 13.38 17.18 46.58
CA ALA A 410 14.35 17.90 45.74
C ALA A 410 14.59 17.18 44.40
N GLY B 11 20.67 -12.84 -16.65
CA GLY B 11 19.46 -12.48 -15.88
C GLY B 11 18.27 -12.66 -16.81
N LYS B 12 17.40 -11.66 -16.88
CA LYS B 12 16.26 -11.71 -17.76
C LYS B 12 16.65 -11.14 -19.10
N GLN B 13 16.16 -11.75 -20.17
CA GLN B 13 16.41 -11.33 -21.53
C GLN B 13 15.26 -10.47 -21.98
N LEU B 14 15.58 -9.24 -22.41
CA LEU B 14 14.57 -8.28 -22.77
C LEU B 14 14.51 -7.99 -24.24
N THR B 15 13.27 -7.90 -24.75
CA THR B 15 13.04 -7.15 -25.97
C THR B 15 12.37 -5.84 -25.61
N ILE B 16 12.89 -4.74 -26.15
CA ILE B 16 12.30 -3.44 -25.93
C ILE B 16 11.69 -2.90 -27.23
N LEU B 17 10.38 -2.80 -27.20
CA LEU B 17 9.58 -2.31 -28.30
C LEU B 17 9.38 -0.80 -28.08
N GLY B 18 9.93 0.03 -28.96
CA GLY B 18 9.89 1.45 -28.77
C GLY B 18 11.00 1.88 -27.85
N SER B 19 12.26 1.48 -28.18
CA SER B 19 13.40 1.71 -27.26
C SER B 19 13.87 3.13 -27.20
N THR B 20 13.60 3.90 -28.26
CA THR B 20 14.16 5.25 -28.39
C THR B 20 13.31 6.33 -27.80
N GLY B 21 12.11 5.97 -27.37
CA GLY B 21 11.16 6.95 -26.84
C GLY B 21 11.39 7.10 -25.35
N SER B 22 10.47 7.81 -24.70
CA SER B 22 10.61 8.17 -23.32
C SER B 22 10.61 6.95 -22.35
N ILE B 23 9.64 6.05 -22.51
CA ILE B 23 9.58 4.84 -21.66
C ILE B 23 10.78 3.90 -21.97
N GLY B 24 11.07 3.73 -23.25
CA GLY B 24 12.21 2.97 -23.71
C GLY B 24 13.52 3.41 -23.12
N CYS B 25 13.78 4.72 -23.13
CA CYS B 25 15.01 5.27 -22.53
C CYS B 25 15.04 5.07 -21.01
N SER B 26 13.88 5.26 -20.36
CA SER B 26 13.77 5.02 -18.92
C SER B 26 14.04 3.53 -18.57
N THR B 27 13.52 2.62 -19.39
CA THR B 27 13.75 1.15 -19.27
C THR B 27 15.24 0.84 -19.36
N LEU B 28 15.88 1.47 -20.35
CA LEU B 28 17.31 1.23 -20.55
C LEU B 28 18.12 1.81 -19.39
N ASP B 29 17.64 2.89 -18.77
CA ASP B 29 18.29 3.37 -17.56
C ASP B 29 18.19 2.40 -16.40
N VAL B 30 17.04 1.74 -16.27
CA VAL B 30 16.94 0.65 -15.28
C VAL B 30 17.95 -0.48 -15.58
N VAL B 31 18.05 -0.91 -16.85
CA VAL B 31 19.07 -1.91 -17.13
C VAL B 31 20.47 -1.41 -16.83
N ARG B 32 20.75 -0.16 -17.20
CA ARG B 32 22.04 0.48 -16.92
C ARG B 32 22.36 0.35 -15.41
N HIS B 33 21.37 0.57 -14.54
CA HIS B 33 21.54 0.42 -13.10
C HIS B 33 21.69 -1.02 -12.64
N ASN B 34 21.25 -1.97 -13.46
CA ASN B 34 21.21 -3.39 -13.10
C ASN B 34 21.81 -4.30 -14.19
N PRO B 35 23.08 -4.04 -14.58
CA PRO B 35 23.55 -4.75 -15.78
C PRO B 35 23.69 -6.26 -15.60
N GLU B 36 23.77 -6.75 -14.37
CA GLU B 36 23.82 -8.19 -14.16
C GLU B 36 22.46 -8.87 -14.08
N HIS B 37 21.39 -8.11 -14.02
CA HIS B 37 20.07 -8.70 -13.92
C HIS B 37 19.34 -8.76 -15.26
N PHE B 38 19.78 -7.95 -16.24
CA PHE B 38 19.02 -7.76 -17.50
C PHE B 38 19.96 -7.77 -18.67
N ARG B 39 19.62 -8.59 -19.66
CA ARG B 39 20.36 -8.61 -20.93
C ARG B 39 19.42 -8.12 -22.03
N VAL B 40 19.80 -7.05 -22.72
CA VAL B 40 19.02 -6.57 -23.87
C VAL B 40 19.31 -7.40 -25.14
N VAL B 41 18.31 -8.19 -25.56
CA VAL B 41 18.41 -9.06 -26.75
C VAL B 41 18.07 -8.28 -28.01
N ALA B 42 17.00 -7.48 -27.94
CA ALA B 42 16.50 -6.80 -29.13
C ALA B 42 15.94 -5.44 -28.81
N LEU B 43 16.23 -4.47 -29.69
CA LEU B 43 15.70 -3.12 -29.59
C LEU B 43 14.92 -2.88 -30.85
N VAL B 44 13.77 -2.23 -30.71
CA VAL B 44 12.88 -1.95 -31.86
C VAL B 44 12.45 -0.51 -31.77
N ALA B 45 12.58 0.24 -32.86
CA ALA B 45 12.15 1.67 -32.87
C ALA B 45 11.58 1.99 -34.23
N GLY B 46 11.38 3.27 -34.52
CA GLY B 46 10.71 3.72 -35.73
C GLY B 46 11.66 4.43 -36.67
N LYS B 47 12.05 5.65 -36.32
CA LYS B 47 12.95 6.43 -37.21
C LYS B 47 14.16 7.05 -36.53
N ASN B 48 14.30 6.90 -35.21
CA ASN B 48 15.37 7.68 -34.51
C ASN B 48 16.65 6.85 -34.55
N VAL B 49 17.39 6.98 -35.67
CA VAL B 49 18.61 6.20 -35.94
C VAL B 49 19.71 6.62 -34.96
N THR B 50 19.78 7.92 -34.67
CA THR B 50 20.82 8.49 -33.84
C THR B 50 20.80 7.89 -32.44
N ARG B 51 19.62 7.95 -31.79
CA ARG B 51 19.43 7.35 -30.48
C ARG B 51 19.59 5.83 -30.55
N MET B 52 19.02 5.19 -31.57
CA MET B 52 19.22 3.75 -31.74
C MET B 52 20.70 3.28 -31.84
N VAL B 53 21.53 4.00 -32.59
CA VAL B 53 22.97 3.73 -32.65
C VAL B 53 23.56 3.73 -31.22
N GLU B 54 23.27 4.78 -30.46
CA GLU B 54 23.85 4.90 -29.13
C GLU B 54 23.39 3.76 -28.21
N GLN B 55 22.13 3.34 -28.34
CA GLN B 55 21.59 2.23 -27.57
C GLN B 55 22.21 0.90 -27.98
N CYS B 56 22.38 0.69 -29.28
CA CYS B 56 23.10 -0.51 -29.75
C CYS B 56 24.54 -0.57 -29.24
N LEU B 57 25.21 0.58 -29.19
CA LEU B 57 26.63 0.61 -28.77
C LEU B 57 26.82 0.45 -27.27
N GLU B 58 25.79 0.81 -26.51
CA GLU B 58 25.79 0.59 -25.06
C GLU B 58 25.34 -0.81 -24.62
N PHE B 59 24.22 -1.27 -25.19
CA PHE B 59 23.58 -2.45 -24.65
C PHE B 59 23.82 -3.74 -25.41
N SER B 60 24.54 -3.62 -26.53
CA SER B 60 24.99 -4.81 -27.33
C SER B 60 23.89 -5.79 -27.68
N PRO B 61 22.75 -5.30 -28.24
CA PRO B 61 21.68 -6.30 -28.50
C PRO B 61 22.05 -7.25 -29.65
N ARG B 62 21.42 -8.41 -29.70
CA ARG B 62 21.58 -9.31 -30.84
C ARG B 62 20.94 -8.71 -32.13
N TYR B 63 19.83 -8.00 -31.97
CA TYR B 63 19.09 -7.40 -33.07
C TYR B 63 18.67 -6.01 -32.79
N ALA B 64 18.63 -5.19 -33.85
CA ALA B 64 18.03 -3.84 -33.81
C ALA B 64 17.09 -3.71 -35.01
N VAL B 65 15.83 -3.31 -34.76
CA VAL B 65 14.83 -3.20 -35.83
C VAL B 65 14.38 -1.76 -35.91
N MET B 66 14.37 -1.20 -37.11
CA MET B 66 13.71 0.06 -37.35
C MET B 66 12.51 -0.29 -38.19
N ASP B 67 11.35 0.28 -37.84
CA ASP B 67 10.16 0.06 -38.65
C ASP B 67 10.33 0.64 -40.06
N ASP B 68 10.87 1.86 -40.12
CA ASP B 68 11.14 2.54 -41.35
C ASP B 68 12.35 1.93 -42.10
N GLU B 69 12.14 1.54 -43.37
CA GLU B 69 13.22 0.93 -44.13
C GLU B 69 14.48 1.83 -44.34
N ALA B 70 14.29 3.10 -44.68
CA ALA B 70 15.41 3.99 -44.91
C ALA B 70 16.22 4.11 -43.61
N SER B 71 15.49 4.14 -42.49
CA SER B 71 16.09 4.23 -41.14
C SER B 71 16.94 3.01 -40.83
N ALA B 72 16.45 1.81 -41.16
CA ALA B 72 17.17 0.55 -40.97
C ALA B 72 18.45 0.51 -41.81
N LYS B 73 18.33 1.00 -43.05
CA LYS B 73 19.50 1.03 -43.93
C LYS B 73 20.63 1.95 -43.38
N LEU B 74 20.27 3.16 -42.96
CA LEU B 74 21.18 4.11 -42.30
C LEU B 74 21.81 3.56 -41.00
N LEU B 75 20.98 2.90 -40.19
CA LEU B 75 21.44 2.31 -38.94
C LEU B 75 22.52 1.29 -39.22
N LYS B 76 22.26 0.42 -40.20
CA LYS B 76 23.21 -0.61 -40.59
C LYS B 76 24.56 0.03 -40.93
N THR B 77 24.54 1.10 -41.71
CA THR B 77 25.81 1.73 -42.14
C THR B 77 26.54 2.38 -40.95
N MET B 78 25.78 2.97 -40.03
CA MET B 78 26.39 3.59 -38.86
C MET B 78 26.98 2.56 -37.89
N LEU B 79 26.26 1.45 -37.64
CA LEU B 79 26.76 0.41 -36.74
C LEU B 79 28.02 -0.20 -37.32
N GLN B 80 28.06 -0.32 -38.66
CA GLN B 80 29.21 -0.89 -39.36
C GLN B 80 30.42 -0.01 -39.23
N GLN B 81 30.25 1.28 -39.54
CA GLN B 81 31.26 2.30 -39.37
C GLN B 81 31.82 2.28 -37.93
N GLN B 82 30.94 2.00 -36.95
CA GLN B 82 31.28 1.97 -35.52
C GLN B 82 31.75 0.60 -35.02
N GLY B 83 31.74 -0.40 -35.89
CA GLY B 83 32.32 -1.71 -35.57
C GLY B 83 31.41 -2.67 -34.84
N SER B 84 30.12 -2.31 -34.78
CA SER B 84 29.14 -3.16 -34.09
C SER B 84 28.62 -4.20 -35.03
N ARG B 85 28.49 -5.42 -34.51
CA ARG B 85 27.94 -6.57 -35.21
C ARG B 85 26.44 -6.84 -34.90
N THR B 86 25.79 -5.94 -34.16
CA THR B 86 24.30 -6.01 -34.01
C THR B 86 23.63 -6.20 -35.40
N GLU B 87 22.74 -7.19 -35.52
CA GLU B 87 22.03 -7.40 -36.77
C GLU B 87 20.84 -6.48 -36.92
N VAL B 88 20.80 -5.74 -38.02
CA VAL B 88 19.76 -4.76 -38.30
C VAL B 88 18.63 -5.39 -39.17
N LEU B 89 17.39 -5.29 -38.68
CA LEU B 89 16.21 -5.71 -39.44
C LEU B 89 15.30 -4.51 -39.69
N SER B 90 14.31 -4.67 -40.57
CA SER B 90 13.33 -3.64 -40.74
C SER B 90 11.90 -4.17 -40.89
N GLY B 91 10.96 -3.28 -40.58
CA GLY B 91 9.56 -3.52 -40.79
C GLY B 91 8.85 -4.25 -39.67
N GLN B 92 7.57 -4.49 -39.91
CA GLN B 92 6.67 -4.85 -38.84
C GLN B 92 6.77 -6.29 -38.48
N GLN B 93 6.98 -7.14 -39.47
CA GLN B 93 7.11 -8.54 -39.14
C GLN B 93 8.32 -8.79 -38.22
N ALA B 94 9.45 -8.13 -38.55
CA ALA B 94 10.66 -8.18 -37.72
C ALA B 94 10.40 -7.71 -36.27
N ALA B 95 9.69 -6.62 -36.08
CA ALA B 95 9.31 -6.15 -34.76
C ALA B 95 8.54 -7.24 -33.99
N CYS B 96 7.55 -7.86 -34.66
CA CYS B 96 6.80 -8.98 -34.07
C CYS B 96 7.71 -10.17 -33.74
N ASP B 97 8.67 -10.44 -34.62
CA ASP B 97 9.57 -11.59 -34.39
C ASP B 97 10.40 -11.38 -33.15
N MET B 98 10.84 -10.15 -32.92
CA MET B 98 11.63 -9.81 -31.71
C MET B 98 10.79 -9.99 -30.46
N ALA B 99 9.51 -9.65 -30.58
CA ALA B 99 8.61 -9.76 -29.43
C ALA B 99 8.36 -11.20 -29.10
N ALA B 100 8.60 -12.10 -30.07
CA ALA B 100 8.24 -13.51 -29.93
C ALA B 100 9.47 -14.42 -29.79
N LEU B 101 10.68 -13.85 -29.71
CA LEU B 101 11.90 -14.65 -29.68
C LEU B 101 11.85 -15.67 -28.56
N GLU B 102 12.05 -16.94 -28.91
CA GLU B 102 12.05 -18.03 -27.94
C GLU B 102 12.82 -17.77 -26.62
N ASP B 103 14.01 -17.20 -26.71
CA ASP B 103 14.81 -16.98 -25.49
C ASP B 103 14.49 -15.68 -24.70
N VAL B 104 13.64 -14.79 -25.23
CA VAL B 104 13.33 -13.61 -24.41
C VAL B 104 12.31 -13.93 -23.28
N ASP B 105 12.53 -13.28 -22.15
CA ASP B 105 11.63 -13.41 -20.99
C ASP B 105 10.58 -12.31 -20.94
N GLN B 106 10.97 -11.07 -21.26
CA GLN B 106 10.14 -9.89 -21.04
C GLN B 106 10.16 -9.04 -22.26
N VAL B 107 9.02 -8.44 -22.55
CA VAL B 107 8.91 -7.53 -23.67
C VAL B 107 8.35 -6.23 -23.09
N MET B 108 9.15 -5.19 -23.18
CA MET B 108 8.72 -3.82 -22.86
C MET B 108 7.91 -3.34 -24.04
N ALA B 109 6.58 -3.33 -23.86
CA ALA B 109 5.70 -2.88 -24.93
C ALA B 109 5.49 -1.34 -24.90
N ALA B 110 6.40 -0.60 -25.51
CA ALA B 110 6.36 0.85 -25.45
C ALA B 110 6.30 1.56 -26.82
N ILE B 111 5.84 0.89 -27.87
CA ILE B 111 5.53 1.59 -29.16
C ILE B 111 4.31 2.43 -28.90
N VAL B 112 4.31 3.64 -29.43
CA VAL B 112 3.17 4.55 -29.37
C VAL B 112 2.12 4.26 -30.51
N GLY B 113 0.83 4.38 -30.20
CA GLY B 113 -0.24 4.37 -31.19
C GLY B 113 -0.60 2.94 -31.63
N ALA B 114 -1.43 2.86 -32.67
CA ALA B 114 -1.94 1.62 -33.27
C ALA B 114 -0.81 0.71 -33.74
N ALA B 115 0.34 1.30 -34.12
CA ALA B 115 1.54 0.56 -34.48
C ALA B 115 2.05 -0.37 -33.38
N GLY B 116 1.70 -0.11 -32.13
CA GLY B 116 2.18 -1.00 -31.04
C GLY B 116 1.37 -2.28 -30.89
N LEU B 117 0.24 -2.34 -31.59
CA LEU B 117 -0.75 -3.39 -31.41
C LEU B 117 -0.27 -4.82 -31.84
N LEU B 118 0.15 -4.96 -33.10
CA LEU B 118 0.62 -6.26 -33.56
C LEU B 118 1.90 -6.72 -32.90
N PRO B 119 2.90 -5.83 -32.77
CA PRO B 119 4.04 -6.35 -31.96
C PRO B 119 3.64 -6.73 -30.55
N THR B 120 2.75 -5.97 -29.92
CA THR B 120 2.32 -6.35 -28.55
C THR B 120 1.61 -7.71 -28.54
N LEU B 121 0.69 -7.92 -29.47
CA LEU B 121 -0.01 -9.20 -29.59
C LEU B 121 0.94 -10.37 -29.81
N ALA B 122 2.00 -10.17 -30.62
CA ALA B 122 2.99 -11.24 -30.88
C ALA B 122 3.63 -11.75 -29.58
N ALA B 123 3.84 -10.82 -28.67
CA ALA B 123 4.44 -11.14 -27.38
C ALA B 123 3.41 -11.87 -26.51
N ILE B 124 2.16 -11.40 -26.53
CA ILE B 124 1.11 -12.08 -25.80
C ILE B 124 0.96 -13.53 -26.33
N ARG B 125 0.90 -13.67 -27.68
CA ARG B 125 0.73 -14.99 -28.28
C ARG B 125 1.89 -15.94 -27.95
N ALA B 126 3.08 -15.36 -27.73
CA ALA B 126 4.27 -16.15 -27.38
C ALA B 126 4.38 -16.42 -25.88
N GLY B 127 3.40 -15.95 -25.09
CA GLY B 127 3.32 -16.25 -23.66
C GLY B 127 4.37 -15.50 -22.89
N LYS B 128 4.82 -14.38 -23.43
CA LYS B 128 5.90 -13.63 -22.74
C LYS B 128 5.38 -12.85 -21.50
N THR B 129 6.29 -12.43 -20.64
CA THR B 129 5.97 -11.40 -19.65
C THR B 129 5.95 -10.06 -20.39
N ILE B 130 4.81 -9.36 -20.30
CA ILE B 130 4.57 -8.15 -21.03
C ILE B 130 4.61 -7.00 -20.05
N LEU B 131 5.61 -6.14 -20.21
CA LEU B 131 5.68 -4.88 -19.46
C LEU B 131 4.89 -3.90 -20.34
N LEU B 132 3.61 -3.71 -19.99
CA LEU B 132 2.68 -3.05 -20.86
C LEU B 132 2.66 -1.53 -20.65
N ALA B 133 3.15 -0.81 -21.65
CA ALA B 133 3.16 0.64 -21.69
C ALA B 133 2.77 1.18 -23.05
N ASN B 134 1.85 0.56 -23.77
CA ASN B 134 1.26 1.02 -25.05
C ASN B 134 -0.23 1.16 -24.71
N LYS B 135 -0.78 2.34 -24.93
CA LYS B 135 -2.16 2.71 -24.54
C LYS B 135 -3.21 1.95 -25.33
N GLU B 136 -2.97 1.82 -26.64
CA GLU B 136 -3.99 1.30 -27.56
C GLU B 136 -4.30 -0.17 -27.26
N SER B 137 -3.31 -0.88 -26.73
CA SER B 137 -3.47 -2.33 -26.47
C SER B 137 -4.80 -2.62 -25.76
N LEU B 138 -5.04 -1.93 -24.63
CA LEU B 138 -6.24 -2.17 -23.84
C LEU B 138 -7.32 -1.14 -24.11
N VAL B 139 -6.98 0.08 -24.54
CA VAL B 139 -8.01 1.06 -24.83
C VAL B 139 -8.82 0.62 -26.06
N THR B 140 -8.13 0.05 -27.04
CA THR B 140 -8.79 -0.34 -28.28
C THR B 140 -9.00 -1.84 -28.35
N CYS B 141 -8.06 -2.62 -27.85
CA CYS B 141 -8.07 -4.08 -28.05
C CYS B 141 -8.21 -4.87 -26.74
N GLY B 142 -8.80 -4.27 -25.72
CA GLY B 142 -8.84 -4.87 -24.38
C GLY B 142 -9.48 -6.25 -24.38
N ARG B 143 -10.57 -6.40 -25.13
CA ARG B 143 -11.26 -7.70 -25.17
C ARG B 143 -10.41 -8.77 -25.81
N LEU B 144 -9.86 -8.43 -26.97
CA LEU B 144 -9.06 -9.34 -27.78
C LEU B 144 -7.78 -9.67 -27.06
N PHE B 145 -7.15 -8.69 -26.44
CA PHE B 145 -5.86 -8.94 -25.80
C PHE B 145 -6.05 -9.71 -24.51
N MET B 146 -7.09 -9.40 -23.74
CA MET B 146 -7.30 -10.15 -22.49
C MET B 146 -7.62 -11.63 -22.78
N ASP B 147 -8.41 -11.88 -23.83
CA ASP B 147 -8.71 -13.24 -24.34
C ASP B 147 -7.45 -13.96 -24.73
N ALA B 148 -6.57 -13.24 -25.43
CA ALA B 148 -5.30 -13.81 -25.88
C ALA B 148 -4.34 -14.11 -24.71
N VAL B 149 -4.33 -13.22 -23.70
CA VAL B 149 -3.51 -13.44 -22.52
C VAL B 149 -3.97 -14.70 -21.78
N LYS B 150 -5.27 -14.81 -21.53
CA LYS B 150 -5.82 -16.03 -20.92
C LYS B 150 -5.36 -17.26 -21.68
N GLN B 151 -5.43 -17.20 -23.01
CA GLN B 151 -5.11 -18.34 -23.85
C GLN B 151 -3.63 -18.76 -23.78
N SER B 152 -2.70 -17.81 -23.79
CA SER B 152 -1.27 -18.15 -23.82
C SER B 152 -0.64 -18.17 -22.44
N LYS B 153 -1.40 -17.76 -21.43
CA LYS B 153 -0.89 -17.53 -20.07
C LYS B 153 0.23 -16.46 -19.93
N ALA B 154 0.33 -15.54 -20.89
CA ALA B 154 1.18 -14.33 -20.77
C ALA B 154 0.90 -13.61 -19.42
N GLN B 155 1.95 -13.09 -18.79
CA GLN B 155 1.86 -12.29 -17.59
C GLN B 155 1.95 -10.83 -18.01
N LEU B 156 0.87 -10.07 -17.80
CA LEU B 156 0.91 -8.61 -18.04
C LEU B 156 1.35 -7.93 -16.76
N LEU B 157 2.21 -6.94 -16.91
CA LEU B 157 2.64 -6.14 -15.80
C LEU B 157 2.55 -4.70 -16.26
N PRO B 158 1.56 -3.95 -15.73
CA PRO B 158 1.38 -2.62 -16.26
C PRO B 158 2.43 -1.62 -15.80
N VAL B 159 2.90 -0.82 -16.76
CA VAL B 159 3.94 0.16 -16.54
C VAL B 159 3.42 1.58 -16.19
N ASP B 160 2.27 1.97 -16.74
CA ASP B 160 1.61 3.27 -16.47
C ASP B 160 1.51 3.45 -14.95
N SER B 161 1.80 4.63 -14.44
CA SER B 161 1.97 4.87 -13.00
C SER B 161 0.75 4.42 -12.15
N GLU B 162 -0.46 4.79 -12.60
CA GLU B 162 -1.71 4.43 -11.92
C GLU B 162 -1.95 2.91 -11.90
N HIS B 163 -1.85 2.26 -13.07
CA HIS B 163 -2.10 0.82 -13.14
C HIS B 163 -1.08 0.06 -12.35
N ASN B 164 0.18 0.48 -12.43
CA ASN B 164 1.26 -0.11 -11.63
C ASN B 164 1.02 0.00 -10.12
N ALA B 165 0.62 1.18 -9.66
CA ALA B 165 0.21 1.47 -8.26
C ALA B 165 -0.92 0.53 -7.87
N ILE B 166 -1.97 0.45 -8.67
CA ILE B 166 -3.04 -0.55 -8.41
C ILE B 166 -2.47 -1.98 -8.35
N PHE B 167 -1.71 -2.37 -9.37
CA PHE B 167 -1.14 -3.72 -9.36
C PHE B 167 -0.33 -4.00 -8.04
N GLN B 168 0.47 -3.04 -7.58
CA GLN B 168 1.27 -3.27 -6.36
C GLN B 168 0.42 -3.37 -5.10
N SER B 169 -0.79 -2.81 -5.15
CA SER B 169 -1.71 -2.71 -3.99
C SER B 169 -2.75 -3.83 -4.00
N LEU B 170 -2.59 -4.76 -4.92
CA LEU B 170 -3.52 -5.87 -5.15
C LEU B 170 -2.94 -7.17 -4.58
N PRO B 171 -3.80 -8.14 -4.17
CA PRO B 171 -3.20 -9.35 -3.58
C PRO B 171 -2.54 -10.24 -4.61
N GLN B 172 -1.62 -11.09 -4.12
CA GLN B 172 -0.88 -12.05 -5.00
C GLN B 172 -1.70 -12.86 -5.97
N PRO B 173 -2.82 -13.49 -5.53
CA PRO B 173 -3.58 -14.28 -6.50
C PRO B 173 -4.10 -13.45 -7.67
N ILE B 174 -4.30 -12.15 -7.45
CA ILE B 174 -4.71 -11.30 -8.57
C ILE B 174 -3.52 -10.98 -9.47
N GLN B 175 -2.40 -10.57 -8.86
CA GLN B 175 -1.15 -10.28 -9.59
C GLN B 175 -0.73 -11.41 -10.58
N HIS B 176 -0.67 -12.65 -10.09
CA HIS B 176 -0.52 -13.83 -10.96
C HIS B 176 -1.96 -13.90 -11.49
N ASN B 177 -2.29 -14.45 -12.62
CA ASN B 177 -3.73 -14.30 -13.06
C ASN B 177 -4.35 -12.92 -13.32
N LEU B 178 -3.52 -11.95 -13.71
CA LEU B 178 -3.98 -10.57 -13.93
C LEU B 178 -4.88 -10.46 -15.15
N GLY B 179 -6.14 -10.15 -14.90
CA GLY B 179 -7.13 -10.01 -15.98
C GLY B 179 -8.18 -11.11 -15.96
N TYR B 180 -7.81 -12.25 -15.38
CA TYR B 180 -8.76 -13.37 -15.16
C TYR B 180 -9.23 -13.61 -13.70
N ALA B 181 -8.46 -13.15 -12.71
CA ALA B 181 -8.87 -13.34 -11.32
C ALA B 181 -10.14 -12.58 -10.95
N ASP B 182 -10.82 -13.03 -9.91
CA ASP B 182 -12.04 -12.43 -9.47
C ASP B 182 -11.73 -11.50 -8.30
N LEU B 183 -12.06 -10.22 -8.47
CA LEU B 183 -11.79 -9.24 -7.40
C LEU B 183 -12.53 -9.59 -6.10
N GLU B 184 -13.84 -9.77 -6.16
CA GLU B 184 -14.64 -9.98 -4.97
C GLU B 184 -14.17 -11.20 -4.18
N GLN B 185 -13.89 -12.30 -4.89
CA GLN B 185 -13.39 -13.55 -4.32
C GLN B 185 -12.08 -13.32 -3.57
N ASN B 186 -11.34 -12.29 -3.99
CA ASN B 186 -10.05 -12.00 -3.40
C ASN B 186 -10.10 -10.83 -2.45
N GLY B 187 -11.30 -10.50 -1.97
CA GLY B 187 -11.45 -9.49 -0.95
C GLY B 187 -11.35 -8.04 -1.41
N VAL B 188 -11.36 -7.80 -2.73
CA VAL B 188 -11.27 -6.43 -3.27
C VAL B 188 -12.66 -5.84 -3.53
N VAL B 189 -12.91 -4.67 -2.95
CA VAL B 189 -14.19 -3.94 -3.10
C VAL B 189 -14.14 -3.06 -4.35
N SER B 190 -13.05 -2.32 -4.53
CA SER B 190 -12.90 -1.45 -5.70
C SER B 190 -11.47 -0.97 -5.92
N ILE B 191 -11.26 -0.40 -7.11
CA ILE B 191 -10.01 0.11 -7.60
C ILE B 191 -10.16 1.61 -7.62
N LEU B 192 -9.25 2.32 -6.95
CA LEU B 192 -9.30 3.76 -6.81
C LEU B 192 -8.23 4.36 -7.73
N LEU B 193 -8.69 4.78 -8.90
CA LEU B 193 -7.90 5.47 -9.88
C LEU B 193 -7.78 6.99 -9.55
N THR B 194 -6.57 7.46 -9.25
CA THR B 194 -6.39 8.86 -8.91
C THR B 194 -5.81 9.64 -10.11
N GLY B 195 -6.22 10.91 -10.22
CA GLY B 195 -5.84 11.81 -11.34
C GLY B 195 -5.64 13.22 -10.81
N SER B 196 -4.71 13.99 -11.41
CA SER B 196 -4.42 15.35 -10.89
C SER B 196 -5.60 16.32 -11.02
N GLY B 197 -6.46 16.11 -12.03
CA GLY B 197 -7.53 17.08 -12.34
C GLY B 197 -7.03 18.17 -13.29
N GLY B 198 -5.71 18.20 -13.54
CA GLY B 198 -5.16 19.10 -14.57
C GLY B 198 -5.03 20.57 -14.17
N PRO B 199 -4.55 21.41 -15.10
CA PRO B 199 -4.36 22.82 -14.76
C PRO B 199 -5.65 23.61 -14.50
N PHE B 200 -6.82 23.10 -14.90
CA PHE B 200 -8.10 23.85 -14.81
C PHE B 200 -9.03 23.30 -13.74
N ARG B 201 -8.44 22.62 -12.75
CA ARG B 201 -9.24 22.12 -11.60
C ARG B 201 -10.14 23.17 -10.98
N GLU B 202 -9.63 24.38 -10.82
CA GLU B 202 -10.38 25.47 -10.12
C GLU B 202 -10.80 26.65 -11.01
N THR B 203 -10.59 26.51 -12.31
CA THR B 203 -10.98 27.52 -13.29
C THR B 203 -12.52 27.64 -13.35
N PRO B 204 -13.06 28.89 -13.36
CA PRO B 204 -14.50 28.97 -13.51
C PRO B 204 -14.91 28.25 -14.78
N LEU B 205 -16.04 27.56 -14.73
CA LEU B 205 -16.48 26.83 -15.91
C LEU B 205 -16.59 27.75 -17.14
N ARG B 206 -16.98 29.02 -16.93
CA ARG B 206 -17.19 30.05 -17.99
C ARG B 206 -15.95 30.26 -18.85
N ASP B 207 -14.81 30.20 -18.18
CA ASP B 207 -13.50 30.50 -18.74
C ASP B 207 -12.87 29.32 -19.50
N LEU B 208 -13.42 28.13 -19.36
CA LEU B 208 -12.86 26.98 -20.06
C LEU B 208 -12.84 27.18 -21.58
N ALA B 209 -13.91 27.74 -22.15
CA ALA B 209 -14.00 27.92 -23.61
C ALA B 209 -12.87 28.76 -24.16
N THR B 210 -12.29 29.62 -23.33
CA THR B 210 -11.23 30.51 -23.81
C THR B 210 -9.81 30.09 -23.42
N MET B 211 -9.65 28.93 -22.79
CA MET B 211 -8.28 28.49 -22.45
C MET B 211 -7.43 28.26 -23.72
N THR B 212 -6.17 28.68 -23.66
CA THR B 212 -5.25 28.51 -24.78
C THR B 212 -4.45 27.18 -24.66
N PRO B 213 -3.88 26.69 -25.79
CA PRO B 213 -2.95 25.55 -25.70
C PRO B 213 -1.84 25.73 -24.69
N ASP B 214 -1.24 26.91 -24.59
CA ASP B 214 -0.17 27.08 -23.58
C ASP B 214 -0.69 26.95 -22.15
N GLN B 215 -1.88 27.49 -21.89
CA GLN B 215 -2.48 27.33 -20.57
C GLN B 215 -2.81 25.84 -20.27
N ALA B 216 -3.35 25.13 -21.27
CA ALA B 216 -3.76 23.72 -21.07
C ALA B 216 -2.57 22.80 -20.83
N CYS B 217 -1.42 23.15 -21.39
CA CYS B 217 -0.21 22.32 -21.32
C CYS B 217 0.67 22.69 -20.18
N ARG B 218 0.29 23.73 -19.46
CA ARG B 218 1.07 24.27 -18.38
C ARG B 218 0.56 23.56 -17.16
N HIS B 219 1.03 22.33 -16.99
CA HIS B 219 0.75 21.58 -15.80
C HIS B 219 1.75 22.01 -14.73
N PRO B 220 1.22 22.56 -13.61
CA PRO B 220 2.01 22.96 -12.43
C PRO B 220 2.83 21.79 -11.86
N ASN B 221 2.43 20.55 -12.14
CA ASN B 221 3.05 19.37 -11.54
C ASN B 221 3.69 18.34 -12.49
N TRP B 222 4.21 18.79 -13.64
CA TRP B 222 4.50 17.77 -14.65
C TRP B 222 5.64 18.00 -15.68
N SER B 223 5.41 18.81 -16.71
CA SER B 223 6.30 18.82 -17.89
C SER B 223 6.18 17.46 -18.62
N MET B 224 5.38 17.46 -19.68
CA MET B 224 5.07 16.26 -20.48
C MET B 224 4.73 16.69 -21.89
N GLY B 225 4.52 15.73 -22.79
CA GLY B 225 4.07 16.03 -24.14
C GLY B 225 2.78 16.85 -24.13
N ARG B 226 2.56 17.64 -25.17
CA ARG B 226 1.40 18.52 -25.25
C ARG B 226 0.11 17.72 -25.31
N LYS B 227 0.08 16.62 -26.08
CA LYS B 227 -1.15 15.82 -26.26
C LYS B 227 -1.63 15.26 -24.93
N ILE B 228 -0.71 14.65 -24.18
CA ILE B 228 -1.05 14.09 -22.89
C ILE B 228 -1.33 15.18 -21.82
N SER B 229 -0.67 16.35 -21.93
CA SER B 229 -0.98 17.51 -21.08
C SER B 229 -2.43 17.92 -21.26
N VAL B 230 -2.89 17.98 -22.53
CA VAL B 230 -4.28 18.34 -22.82
C VAL B 230 -5.23 17.24 -22.32
N ASP B 231 -4.87 15.96 -22.55
CA ASP B 231 -5.64 14.82 -21.98
C ASP B 231 -5.78 14.91 -20.48
N SER B 232 -4.75 15.42 -19.81
CA SER B 232 -4.79 15.64 -18.38
C SER B 232 -5.74 16.81 -18.02
N ALA B 233 -5.76 17.88 -18.84
CA ALA B 233 -6.67 19.04 -18.58
C ALA B 233 -8.14 18.69 -18.79
N THR B 234 -8.40 17.74 -19.69
CA THR B 234 -9.78 17.30 -19.95
C THR B 234 -10.22 16.08 -19.11
N MET B 235 -9.23 15.46 -18.47
CA MET B 235 -9.36 14.13 -17.84
C MET B 235 -9.71 13.01 -18.79
N MET B 236 -9.46 13.25 -20.08
CA MET B 236 -9.52 12.18 -21.08
C MET B 236 -8.46 11.16 -20.75
N ASN B 237 -7.33 11.63 -20.21
CA ASN B 237 -6.26 10.69 -19.82
C ASN B 237 -6.71 9.71 -18.74
N LYS B 238 -7.38 10.21 -17.72
CA LYS B 238 -8.02 9.30 -16.74
C LYS B 238 -9.15 8.44 -17.33
N GLY B 239 -9.91 9.00 -18.28
CA GLY B 239 -10.99 8.23 -18.92
C GLY B 239 -10.39 7.03 -19.65
N LEU B 240 -9.25 7.24 -20.30
CA LEU B 240 -8.59 6.18 -21.02
C LEU B 240 -7.97 5.15 -20.05
N GLU B 241 -7.41 5.61 -18.93
CA GLU B 241 -6.88 4.67 -17.92
C GLU B 241 -8.03 3.90 -17.28
N TYR B 242 -9.20 4.52 -17.19
CA TYR B 242 -10.40 3.85 -16.63
C TYR B 242 -10.75 2.65 -17.49
N ILE B 243 -10.78 2.84 -18.81
CA ILE B 243 -10.98 1.75 -19.80
C ILE B 243 -9.92 0.63 -19.67
N GLU B 244 -8.64 1.02 -19.61
CA GLU B 244 -7.57 0.04 -19.40
C GLU B 244 -7.73 -0.70 -18.08
N ALA B 245 -8.02 0.03 -16.99
CA ALA B 245 -8.15 -0.56 -15.67
C ALA B 245 -9.28 -1.59 -15.61
N ARG B 246 -10.42 -1.28 -16.22
CA ARG B 246 -11.51 -2.23 -16.19
C ARG B 246 -11.06 -3.57 -16.83
N TRP B 247 -10.36 -3.51 -17.98
CA TRP B 247 -9.82 -4.72 -18.62
C TRP B 247 -8.75 -5.41 -17.82
N LEU B 248 -7.73 -4.65 -17.44
CA LEU B 248 -6.58 -5.19 -16.71
C LEU B 248 -7.00 -5.89 -15.41
N PHE B 249 -7.89 -5.25 -14.64
CA PHE B 249 -8.19 -5.73 -13.30
C PHE B 249 -9.52 -6.47 -13.19
N ASN B 250 -10.19 -6.71 -14.32
CA ASN B 250 -11.46 -7.45 -14.34
C ASN B 250 -12.46 -6.74 -13.40
N ALA B 251 -12.58 -5.41 -13.56
CA ALA B 251 -13.39 -4.60 -12.68
C ALA B 251 -14.65 -4.13 -13.38
N SER B 252 -15.78 -4.25 -12.68
CA SER B 252 -17.05 -3.72 -13.17
C SER B 252 -17.08 -2.22 -12.91
N ALA B 253 -18.08 -1.56 -13.47
CA ALA B 253 -18.26 -0.15 -13.25
C ALA B 253 -18.41 0.18 -11.78
N SER B 254 -19.06 -0.71 -10.98
CA SER B 254 -19.23 -0.42 -9.56
C SER B 254 -17.97 -0.70 -8.74
N GLN B 255 -17.01 -1.41 -9.32
CA GLN B 255 -15.74 -1.67 -8.69
C GLN B 255 -14.68 -0.62 -9.05
N MET B 256 -15.06 0.45 -9.73
CA MET B 256 -14.13 1.51 -10.12
C MET B 256 -14.48 2.80 -9.44
N GLU B 257 -13.48 3.50 -8.88
CA GLU B 257 -13.73 4.87 -8.43
C GLU B 257 -12.64 5.74 -9.03
N VAL B 258 -13.03 6.94 -9.45
CA VAL B 258 -12.07 7.94 -9.95
C VAL B 258 -12.02 9.08 -8.90
N LEU B 259 -10.83 9.44 -8.49
CA LEU B 259 -10.71 10.42 -7.44
C LEU B 259 -9.70 11.43 -7.92
N ILE B 260 -10.02 12.72 -7.81
CA ILE B 260 -9.04 13.77 -8.04
C ILE B 260 -8.08 13.83 -6.83
N HIS B 261 -6.79 13.80 -7.13
CA HIS B 261 -5.71 13.97 -6.12
C HIS B 261 -4.68 14.93 -6.73
N PRO B 262 -4.82 16.24 -6.45
CA PRO B 262 -3.99 17.23 -7.12
C PRO B 262 -2.49 17.08 -7.03
N GLN B 263 -1.98 16.54 -5.93
CA GLN B 263 -0.52 16.50 -5.72
C GLN B 263 0.14 15.33 -6.44
N SER B 264 -0.65 14.36 -6.87
CA SER B 264 -0.19 13.14 -7.56
C SER B 264 0.90 12.37 -6.82
N VAL B 265 0.90 12.46 -5.49
CA VAL B 265 1.86 11.70 -4.68
C VAL B 265 1.36 10.26 -4.55
N ILE B 266 0.10 10.09 -4.15
CA ILE B 266 -0.53 8.76 -4.21
C ILE B 266 -0.83 8.53 -5.68
N HIS B 267 -0.45 7.36 -6.17
CA HIS B 267 -0.50 7.08 -7.61
C HIS B 267 -1.76 6.30 -8.02
N SER B 268 -2.36 5.58 -7.08
CA SER B 268 -3.72 4.96 -7.14
C SER B 268 -3.85 3.97 -5.96
N MET B 269 -5.04 3.39 -5.76
CA MET B 269 -5.26 2.63 -4.53
C MET B 269 -6.22 1.49 -4.78
N VAL B 270 -6.37 0.61 -3.76
CA VAL B 270 -7.26 -0.55 -3.85
C VAL B 270 -7.94 -0.66 -2.50
N ARG B 271 -9.26 -0.72 -2.53
CA ARG B 271 -10.12 -0.80 -1.36
C ARG B 271 -10.45 -2.29 -1.08
N TYR B 272 -10.34 -2.69 0.19
CA TYR B 272 -10.56 -4.10 0.55
C TYR B 272 -11.77 -4.23 1.44
N GLN B 273 -12.25 -5.47 1.52
CA GLN B 273 -13.51 -5.83 2.17
C GLN B 273 -13.54 -5.50 3.67
N ASP B 274 -12.37 -5.49 4.32
CA ASP B 274 -12.35 -5.20 5.76
C ASP B 274 -12.27 -3.71 6.06
N GLY B 275 -12.25 -2.87 5.02
CA GLY B 275 -12.07 -1.41 5.22
C GLY B 275 -10.72 -0.89 4.80
N SER B 276 -9.71 -1.78 4.75
CA SER B 276 -8.34 -1.39 4.44
C SER B 276 -8.26 -0.77 3.07
N VAL B 277 -7.41 0.23 2.93
CA VAL B 277 -7.05 0.73 1.59
C VAL B 277 -5.55 0.67 1.43
N LEU B 278 -5.09 -0.01 0.39
CA LEU B 278 -3.66 -0.08 0.11
C LEU B 278 -3.34 0.88 -1.04
N ALA B 279 -2.22 1.59 -0.94
CA ALA B 279 -1.83 2.57 -1.94
C ALA B 279 -0.37 2.45 -2.22
N GLN B 280 0.02 2.93 -3.40
CA GLN B 280 1.42 3.11 -3.75
C GLN B 280 1.64 4.61 -3.92
N LEU B 281 2.76 5.10 -3.36
CA LEU B 281 3.20 6.49 -3.43
C LEU B 281 4.63 6.47 -3.97
N GLY B 282 5.10 7.60 -4.47
CA GLY B 282 6.54 7.69 -4.82
C GLY B 282 6.83 9.00 -5.51
N GLU B 283 8.12 9.25 -5.78
CA GLU B 283 8.57 10.38 -6.66
C GLU B 283 7.94 10.21 -8.01
N PRO B 284 7.71 11.33 -8.74
CA PRO B 284 7.18 11.29 -10.12
C PRO B 284 8.32 10.94 -11.10
N ASP B 285 8.46 9.66 -11.39
CA ASP B 285 9.59 9.19 -12.17
C ASP B 285 9.21 7.81 -12.66
N MET B 286 9.07 7.69 -13.99
CA MET B 286 8.63 6.43 -14.60
C MET B 286 9.56 5.26 -14.39
N ARG B 287 10.79 5.51 -14.01
CA ARG B 287 11.71 4.40 -13.68
C ARG B 287 11.24 3.58 -12.52
N THR B 288 10.43 4.16 -11.63
CA THR B 288 9.90 3.36 -10.51
C THR B 288 8.98 2.27 -10.97
N PRO B 289 7.83 2.64 -11.61
CA PRO B 289 6.96 1.58 -12.11
C PRO B 289 7.64 0.62 -13.12
N ILE B 290 8.53 1.14 -13.98
CA ILE B 290 9.28 0.28 -14.94
C ILE B 290 10.15 -0.74 -14.20
N ALA B 291 10.95 -0.29 -13.23
CA ALA B 291 11.79 -1.19 -12.42
C ALA B 291 10.94 -2.18 -11.61
N HIS B 292 9.77 -1.74 -11.13
CA HIS B 292 8.87 -2.67 -10.53
C HIS B 292 8.51 -3.84 -11.49
N THR B 293 8.05 -3.51 -12.69
CA THR B 293 7.64 -4.56 -13.63
C THR B 293 8.79 -5.48 -14.07
N MET B 294 9.97 -4.89 -14.28
CA MET B 294 11.11 -5.65 -14.75
C MET B 294 11.56 -6.63 -13.66
N ALA B 295 11.48 -6.23 -12.39
CA ALA B 295 12.00 -7.05 -11.30
C ALA B 295 11.00 -8.01 -10.65
N TRP B 296 9.69 -7.73 -10.82
CA TRP B 296 8.64 -8.50 -10.14
C TRP B 296 8.87 -9.98 -10.30
N PRO B 297 8.67 -10.79 -9.21
CA PRO B 297 8.10 -10.37 -7.92
C PRO B 297 9.15 -9.87 -6.95
N ASN B 298 10.35 -9.60 -7.45
CA ASN B 298 11.41 -9.03 -6.62
C ASN B 298 11.54 -7.51 -6.89
N ARG B 299 12.58 -6.85 -6.38
CA ARG B 299 12.77 -5.39 -6.52
C ARG B 299 14.20 -5.16 -7.00
N VAL B 300 14.42 -4.04 -7.71
CA VAL B 300 15.78 -3.57 -8.04
C VAL B 300 15.87 -2.06 -7.83
N ASN B 301 17.09 -1.53 -7.78
CA ASN B 301 17.35 -0.09 -7.78
C ASN B 301 17.00 0.50 -9.14
N SER B 302 16.34 1.64 -9.10
CA SER B 302 15.80 2.21 -10.30
C SER B 302 16.52 3.52 -10.57
N GLY B 303 17.40 3.95 -9.67
CA GLY B 303 17.96 5.30 -9.73
C GLY B 303 17.08 6.40 -9.16
N VAL B 304 15.85 6.07 -8.76
CA VAL B 304 14.90 7.06 -8.24
C VAL B 304 15.16 7.23 -6.74
N LYS B 305 15.24 8.48 -6.30
CA LYS B 305 15.53 8.81 -4.91
C LYS B 305 14.31 8.53 -4.02
N PRO B 306 14.52 8.29 -2.69
CA PRO B 306 13.37 8.01 -1.82
C PRO B 306 12.48 9.26 -1.68
N LEU B 307 11.16 9.06 -1.78
CA LEU B 307 10.21 10.13 -1.54
C LEU B 307 10.44 10.80 -0.19
N ASP B 308 10.58 12.13 -0.18
CA ASP B 308 10.78 12.86 1.07
C ASP B 308 9.46 13.35 1.61
N PHE B 309 8.93 12.66 2.61
CA PHE B 309 7.62 13.07 3.16
C PHE B 309 7.62 14.44 3.88
N CYS B 310 8.80 14.97 4.20
CA CYS B 310 8.87 16.26 4.85
C CYS B 310 8.93 17.38 3.83
N LYS B 311 9.00 17.06 2.54
CA LYS B 311 8.98 18.11 1.48
C LYS B 311 7.78 18.01 0.57
N LEU B 312 6.63 17.62 1.12
CA LEU B 312 5.39 17.50 0.34
C LEU B 312 4.40 18.65 0.54
N SER B 313 3.62 18.93 -0.50
CA SER B 313 2.36 19.65 -0.32
C SER B 313 1.37 18.72 0.40
N ALA B 314 0.41 19.32 1.10
CA ALA B 314 -0.64 18.57 1.77
C ALA B 314 -1.43 17.79 0.72
N LEU B 315 -1.75 16.55 1.05
CA LEU B 315 -2.46 15.69 0.10
C LEU B 315 -3.95 15.88 0.26
N THR B 316 -4.61 16.22 -0.85
CA THR B 316 -6.07 16.42 -0.90
C THR B 316 -6.71 15.53 -1.97
N PHE B 317 -8.00 15.31 -1.83
CA PHE B 317 -8.76 14.48 -2.72
C PHE B 317 -10.09 15.16 -2.97
N ALA B 318 -10.66 14.98 -4.17
CA ALA B 318 -12.00 15.49 -4.49
C ALA B 318 -12.67 14.58 -5.50
N ALA B 319 -13.99 14.67 -5.60
CA ALA B 319 -14.74 13.90 -6.57
C ALA B 319 -14.72 14.69 -7.88
N PRO B 320 -14.52 14.01 -9.04
CA PRO B 320 -14.53 14.71 -10.32
C PRO B 320 -15.94 15.11 -10.69
N ASP B 321 -16.04 16.31 -11.23
CA ASP B 321 -17.27 16.92 -11.69
C ASP B 321 -17.34 16.71 -13.20
N TYR B 322 -18.28 15.89 -13.64
CA TYR B 322 -18.49 15.66 -15.06
C TYR B 322 -18.88 16.89 -15.90
N ASP B 323 -19.37 17.97 -15.26
CA ASP B 323 -19.58 19.20 -16.02
C ASP B 323 -18.25 19.82 -16.34
N ARG B 324 -17.29 19.64 -15.45
CA ARG B 324 -15.94 20.19 -15.67
C ARG B 324 -15.09 19.27 -16.57
N TYR B 325 -15.35 17.97 -16.48
CA TYR B 325 -14.61 16.96 -17.23
C TYR B 325 -15.54 16.05 -18.01
N PRO B 326 -16.27 16.60 -19.00
CA PRO B 326 -17.14 15.75 -19.84
C PRO B 326 -16.42 14.53 -20.47
N CYS B 327 -15.12 14.66 -20.78
CA CYS B 327 -14.40 13.56 -21.44
C CYS B 327 -14.27 12.37 -20.53
N LEU B 328 -14.24 12.61 -19.24
CA LEU B 328 -14.10 11.50 -18.27
C LEU B 328 -15.35 10.63 -18.33
N LYS B 329 -16.51 11.28 -18.32
CA LYS B 329 -17.84 10.61 -18.43
C LYS B 329 -18.02 9.92 -19.77
N LEU B 330 -17.65 10.62 -20.84
CA LEU B 330 -17.71 10.02 -22.17
C LEU B 330 -16.96 8.68 -22.24
N ALA B 331 -15.76 8.63 -21.64
CA ALA B 331 -14.93 7.41 -21.69
C ALA B 331 -15.55 6.24 -20.92
N MET B 332 -16.16 6.57 -19.77
CA MET B 332 -16.88 5.60 -18.92
C MET B 332 -18.06 5.01 -19.69
N GLU B 333 -18.85 5.88 -20.30
CA GLU B 333 -19.97 5.49 -21.18
C GLU B 333 -19.53 4.69 -22.39
N ALA B 334 -18.48 5.17 -23.10
CA ALA B 334 -17.90 4.45 -24.24
C ALA B 334 -17.52 3.00 -23.88
N PHE B 335 -16.93 2.79 -22.71
CA PHE B 335 -16.60 1.42 -22.20
C PHE B 335 -17.81 0.49 -22.25
N GLU B 336 -18.97 0.98 -21.78
CA GLU B 336 -20.23 0.18 -21.75
C GLU B 336 -20.67 -0.22 -23.15
N GLN B 337 -20.38 0.65 -24.11
CA GLN B 337 -20.77 0.44 -25.50
C GLN B 337 -19.84 -0.49 -26.26
N GLY B 338 -18.62 -0.73 -25.78
CA GLY B 338 -17.73 -1.72 -26.40
C GLY B 338 -16.45 -1.13 -26.97
N GLN B 339 -15.55 -1.98 -27.44
CA GLN B 339 -14.28 -1.59 -28.07
C GLN B 339 -14.38 -0.70 -29.31
N ALA B 340 -15.50 -0.75 -30.03
CA ALA B 340 -15.68 0.14 -31.19
C ALA B 340 -15.85 1.57 -30.65
N ALA B 341 -16.65 1.73 -29.59
CA ALA B 341 -16.79 3.04 -28.98
C ALA B 341 -15.47 3.56 -28.28
N THR B 342 -14.74 2.69 -27.60
CA THR B 342 -13.52 3.17 -26.92
C THR B 342 -12.44 3.49 -27.97
N THR B 343 -12.34 2.64 -29.01
CA THR B 343 -11.45 2.87 -30.14
C THR B 343 -11.80 4.18 -30.82
N ALA B 344 -13.08 4.39 -31.13
CA ALA B 344 -13.54 5.63 -31.75
C ALA B 344 -13.26 6.89 -30.90
N LEU B 345 -13.43 6.76 -29.56
CA LEU B 345 -13.20 7.88 -28.68
C LEU B 345 -11.72 8.26 -28.72
N ASN B 346 -10.86 7.26 -28.59
CA ASN B 346 -9.41 7.45 -28.60
C ASN B 346 -8.93 8.15 -29.88
N ALA B 347 -9.46 7.68 -31.01
CA ALA B 347 -9.05 8.17 -32.32
C ALA B 347 -9.60 9.57 -32.54
N ALA B 348 -10.89 9.77 -32.27
CA ALA B 348 -11.51 11.12 -32.29
C ALA B 348 -10.73 12.10 -31.44
N ASN B 349 -10.35 11.64 -30.25
CA ASN B 349 -9.63 12.51 -29.32
C ASN B 349 -8.24 12.96 -29.81
N GLU B 350 -7.51 12.06 -30.46
CA GLU B 350 -6.25 12.45 -31.10
C GLU B 350 -6.47 13.57 -32.09
N ILE B 351 -7.52 13.43 -32.90
CA ILE B 351 -7.86 14.42 -33.90
C ILE B 351 -8.22 15.75 -33.24
N THR B 352 -9.13 15.72 -32.26
CA THR B 352 -9.61 16.98 -31.68
C THR B 352 -8.55 17.71 -30.86
N VAL B 353 -7.78 16.99 -30.06
CA VAL B 353 -6.67 17.61 -29.34
C VAL B 353 -5.67 18.24 -30.29
N ALA B 354 -5.29 17.55 -31.36
CA ALA B 354 -4.30 18.15 -32.27
C ALA B 354 -4.87 19.43 -32.90
N ALA B 355 -6.17 19.44 -33.20
CA ALA B 355 -6.89 20.61 -33.70
C ALA B 355 -6.89 21.75 -32.65
N PHE B 356 -7.10 21.41 -31.37
CA PHE B 356 -7.00 22.41 -30.29
C PHE B 356 -5.61 23.04 -30.23
N LEU B 357 -4.59 22.17 -30.22
CA LEU B 357 -3.20 22.59 -30.23
C LEU B 357 -2.83 23.46 -31.45
N ALA B 358 -3.49 23.23 -32.58
CA ALA B 358 -3.26 23.95 -33.85
C ALA B 358 -4.14 25.17 -33.93
N GLN B 359 -4.80 25.51 -32.81
CA GLN B 359 -5.71 26.61 -32.70
C GLN B 359 -6.86 26.62 -33.71
N GLN B 360 -7.25 25.43 -34.15
CA GLN B 360 -8.40 25.30 -35.03
C GLN B 360 -9.73 25.24 -34.29
N ILE B 361 -9.68 24.80 -33.01
CA ILE B 361 -10.89 24.70 -32.18
C ILE B 361 -10.56 25.12 -30.72
N ARG B 362 -11.62 25.37 -29.95
CA ARG B 362 -11.49 25.78 -28.56
C ARG B 362 -11.29 24.57 -27.64
N PHE B 363 -10.74 24.84 -26.47
CA PHE B 363 -10.54 23.82 -25.45
C PHE B 363 -11.81 22.99 -25.22
N THR B 364 -12.95 23.66 -25.10
CA THR B 364 -14.23 22.97 -24.84
C THR B 364 -14.82 22.23 -26.07
N ASP B 365 -14.30 22.51 -27.27
CA ASP B 365 -14.69 21.78 -28.46
C ASP B 365 -14.17 20.34 -28.48
N ILE B 366 -13.11 20.07 -27.70
CA ILE B 366 -12.52 18.71 -27.63
C ILE B 366 -13.59 17.74 -27.15
N ALA B 367 -14.18 17.96 -25.99
CA ALA B 367 -15.23 17.05 -25.53
C ALA B 367 -16.48 17.08 -26.41
N ALA B 368 -16.88 18.25 -26.88
CA ALA B 368 -18.10 18.33 -27.67
C ALA B 368 -17.92 17.60 -29.02
N LEU B 369 -16.78 17.77 -29.67
CA LEU B 369 -16.50 16.99 -30.91
C LEU B 369 -16.26 15.49 -30.68
N ASN B 370 -15.58 15.12 -29.57
CA ASN B 370 -15.44 13.69 -29.27
C ASN B 370 -16.81 13.02 -29.17
N LEU B 371 -17.75 13.70 -28.50
CA LEU B 371 -19.12 13.16 -28.31
C LEU B 371 -19.82 13.06 -29.66
N SER B 372 -19.64 14.12 -30.45
CA SER B 372 -20.26 14.23 -31.73
C SER B 372 -19.83 13.10 -32.66
N VAL B 373 -18.53 12.73 -32.63
CA VAL B 373 -18.03 11.55 -33.41
C VAL B 373 -18.68 10.25 -32.96
N LEU B 374 -18.74 10.05 -31.65
CA LEU B 374 -19.32 8.82 -31.11
C LEU B 374 -20.82 8.69 -31.52
N GLU B 375 -21.57 9.81 -31.48
CA GLU B 375 -22.99 9.86 -31.86
C GLU B 375 -23.17 9.52 -33.32
N LYS B 376 -22.23 9.95 -34.14
CA LYS B 376 -22.33 9.75 -35.57
C LYS B 376 -21.95 8.34 -36.02
N MET B 377 -21.40 7.52 -35.14
CA MET B 377 -20.78 6.30 -35.64
C MET B 377 -21.48 4.92 -35.65
N ASP B 378 -22.08 4.50 -34.55
CA ASP B 378 -22.53 3.08 -34.47
C ASP B 378 -21.66 2.12 -35.37
N MET B 379 -20.49 1.70 -34.88
CA MET B 379 -19.83 0.57 -35.54
C MET B 379 -20.07 -0.69 -34.66
N ARG B 380 -19.89 -1.89 -35.20
CA ARG B 380 -20.11 -3.08 -34.41
C ARG B 380 -18.83 -3.51 -33.69
N GLU B 381 -18.95 -4.34 -32.67
CA GLU B 381 -17.80 -4.85 -31.94
C GLU B 381 -16.67 -5.46 -32.81
N PRO B 382 -15.45 -4.91 -32.71
CA PRO B 382 -14.30 -5.46 -33.40
C PRO B 382 -14.05 -6.91 -33.00
N GLN B 383 -13.58 -7.73 -33.94
CA GLN B 383 -13.44 -9.16 -33.73
C GLN B 383 -11.97 -9.53 -33.90
N CYS B 384 -11.16 -8.56 -34.35
CA CYS B 384 -9.74 -8.76 -34.59
C CYS B 384 -9.07 -7.40 -34.70
N VAL B 385 -7.74 -7.38 -34.70
CA VAL B 385 -7.01 -6.12 -34.80
C VAL B 385 -7.34 -5.34 -36.09
N ASP B 386 -7.54 -6.03 -37.21
CA ASP B 386 -7.96 -5.32 -38.46
C ASP B 386 -9.26 -4.52 -38.29
N ASP B 387 -10.22 -5.06 -37.54
CA ASP B 387 -11.48 -4.40 -37.25
C ASP B 387 -11.27 -3.16 -36.40
N VAL B 388 -10.45 -3.24 -35.36
CA VAL B 388 -10.13 -2.02 -34.58
C VAL B 388 -9.45 -0.96 -35.43
N LEU B 389 -8.49 -1.36 -36.28
CA LEU B 389 -7.77 -0.39 -37.14
C LEU B 389 -8.72 0.34 -38.08
N SER B 390 -9.71 -0.42 -38.54
CA SER B 390 -10.74 0.10 -39.42
C SER B 390 -11.64 1.09 -38.68
N VAL B 391 -12.05 0.77 -37.43
CA VAL B 391 -12.81 1.72 -36.61
C VAL B 391 -11.97 2.99 -36.35
N ASP B 392 -10.73 2.80 -35.97
CA ASP B 392 -9.85 3.90 -35.67
C ASP B 392 -9.75 4.85 -36.91
N ALA B 393 -9.51 4.26 -38.08
CA ALA B 393 -9.41 5.02 -39.36
C ALA B 393 -10.71 5.81 -39.68
N ASN B 394 -11.84 5.13 -39.58
CA ASN B 394 -13.12 5.80 -39.78
C ASN B 394 -13.37 6.95 -38.77
N ALA B 395 -13.10 6.72 -37.47
CA ALA B 395 -13.38 7.75 -36.44
C ALA B 395 -12.55 9.00 -36.67
N ARG B 396 -11.30 8.82 -37.09
CA ARG B 396 -10.43 9.96 -37.43
C ARG B 396 -11.00 10.82 -38.56
N GLU B 397 -11.44 10.18 -39.64
CA GLU B 397 -12.11 10.88 -40.71
C GLU B 397 -13.37 11.59 -40.26
N VAL B 398 -14.20 10.93 -39.46
CA VAL B 398 -15.40 11.61 -38.98
C VAL B 398 -14.98 12.84 -38.19
N ALA B 399 -13.98 12.66 -37.33
CA ALA B 399 -13.50 13.70 -36.45
C ALA B 399 -12.88 14.89 -37.22
N ARG B 400 -12.10 14.59 -38.26
CA ARG B 400 -11.48 15.65 -39.11
C ARG B 400 -12.53 16.47 -39.86
N LYS B 401 -13.61 15.83 -40.32
CA LYS B 401 -14.73 16.57 -40.94
C LYS B 401 -15.47 17.49 -39.92
N GLU B 402 -15.70 16.97 -38.72
CA GLU B 402 -16.26 17.75 -37.59
C GLU B 402 -15.39 18.97 -37.25
N VAL B 403 -14.07 18.78 -37.17
CA VAL B 403 -13.17 19.91 -37.02
C VAL B 403 -13.29 20.94 -38.16
N MET B 404 -13.22 20.48 -39.41
CA MET B 404 -13.29 21.38 -40.57
C MET B 404 -14.58 22.19 -40.59
N ARG B 405 -15.68 21.56 -40.17
CA ARG B 405 -16.99 22.19 -40.08
C ARG B 405 -16.95 23.37 -39.14
N LEU B 406 -16.40 23.14 -37.95
CA LEU B 406 -16.32 24.14 -36.89
C LEU B 406 -15.48 25.31 -37.31
N ALA B 407 -14.25 25.02 -37.79
CA ALA B 407 -13.33 26.02 -38.33
C ALA B 407 -13.83 26.73 -39.60
N SER B 408 -14.62 26.03 -40.42
CA SER B 408 -15.28 26.67 -41.58
C SER B 408 -16.56 27.44 -41.21
#